data_1NKS
#
_entry.id   1NKS
#
_cell.length_a   73.510
_cell.length_b   145.690
_cell.length_c   172.280
_cell.angle_alpha   90.00
_cell.angle_beta   90.00
_cell.angle_gamma   90.00
#
_symmetry.space_group_name_H-M   'P 21 21 21'
#
loop_
_entity.id
_entity.type
_entity.pdbx_description
1 polymer 'ADENYLATE KINASE'
2 non-polymer 'ADENOSINE MONOPHOSPHATE'
3 non-polymer "ADENOSINE-5'-DIPHOSPHATE"
4 water water
#
_entity_poly.entity_id   1
_entity_poly.type   'polypeptide(L)'
_entity_poly.pdbx_seq_one_letter_code
;MKIGIVTGIPGVGKSTVLAKVKEILDNQGINNKIINYGDFMLATALKLGYAKDRDEMRKLSVEKQKKLQIDAAKGIAEEA
RAGGEGYLFIDTHAVIRTPSGYLPGLPSYVITEINPSVIFLLEADPKIILSRQKRDTTRNRNDYSDESVILETINFARYA
ATASAVLAGSTVKVIVNVEGDPSIAANEIIRSMK
;
_entity_poly.pdbx_strand_id   A,B,C,D,E,F
#
# COMPACT_ATOMS: atom_id res chain seq x y z
N MET A 1 -40.03 28.26 0.96
CA MET A 1 -38.85 28.68 1.77
C MET A 1 -37.53 28.58 1.01
N LYS A 2 -36.58 29.45 1.38
CA LYS A 2 -35.27 29.40 0.72
C LYS A 2 -34.58 28.12 1.24
N ILE A 3 -33.97 27.32 0.39
CA ILE A 3 -33.24 26.14 0.87
C ILE A 3 -31.74 26.34 0.99
N GLY A 4 -31.17 25.90 2.09
CA GLY A 4 -29.70 25.99 2.31
C GLY A 4 -29.19 24.57 2.63
N ILE A 5 -28.13 24.10 1.96
CA ILE A 5 -27.64 22.75 2.29
C ILE A 5 -26.38 22.92 3.13
N VAL A 6 -26.43 22.42 4.38
CA VAL A 6 -25.28 22.52 5.27
C VAL A 6 -24.50 21.21 5.28
N THR A 7 -23.24 21.24 4.86
CA THR A 7 -22.45 20.01 4.83
C THR A 7 -21.16 20.30 5.62
N GLY A 8 -20.53 19.21 5.99
CA GLY A 8 -19.28 19.28 6.69
C GLY A 8 -18.72 17.85 6.74
N ILE A 9 -17.42 17.74 6.79
CA ILE A 9 -16.81 16.39 6.96
C ILE A 9 -16.91 16.10 8.45
N PRO A 10 -16.90 14.84 8.84
CA PRO A 10 -17.05 14.45 10.23
C PRO A 10 -16.02 15.14 11.10
N GLY A 11 -16.45 15.64 12.25
CA GLY A 11 -15.57 16.30 13.17
C GLY A 11 -15.46 17.80 13.04
N VAL A 12 -16.36 18.48 12.31
CA VAL A 12 -16.24 19.92 12.23
C VAL A 12 -17.21 20.59 13.21
N GLY A 13 -18.07 19.85 13.88
CA GLY A 13 -18.99 20.49 14.83
C GLY A 13 -20.25 20.99 14.15
N LYS A 14 -20.62 20.32 13.07
CA LYS A 14 -21.83 20.65 12.35
C LYS A 14 -23.08 20.60 13.21
N SER A 15 -23.28 19.64 14.10
CA SER A 15 -24.56 19.61 14.85
C SER A 15 -24.68 20.74 15.86
N THR A 16 -23.55 21.16 16.37
CA THR A 16 -23.53 22.28 17.33
C THR A 16 -23.88 23.55 16.56
N VAL A 17 -23.13 23.74 15.44
CA VAL A 17 -23.39 24.92 14.61
C VAL A 17 -24.87 24.94 14.21
N LEU A 18 -25.42 23.78 13.81
CA LEU A 18 -26.83 23.75 13.43
C LEU A 18 -27.79 24.13 14.56
N ALA A 19 -27.49 23.79 15.79
CA ALA A 19 -28.29 24.15 16.97
C ALA A 19 -28.27 25.68 17.09
N LYS A 20 -27.09 26.31 17.11
CA LYS A 20 -27.09 27.79 17.17
C LYS A 20 -27.94 28.38 16.05
N VAL A 21 -27.83 27.87 14.80
CA VAL A 21 -28.70 28.43 13.75
C VAL A 21 -30.15 28.35 14.21
N LYS A 22 -30.61 27.26 14.80
CA LYS A 22 -31.99 27.16 15.27
C LYS A 22 -32.32 28.14 16.40
N GLU A 23 -31.47 28.27 17.40
CA GLU A 23 -31.69 29.20 18.49
C GLU A 23 -31.69 30.62 17.95
N ILE A 24 -30.60 31.11 17.36
CA ILE A 24 -30.62 32.45 16.79
C ILE A 24 -31.83 32.70 15.91
N LEU A 25 -32.31 31.77 15.07
CA LEU A 25 -33.47 32.14 14.27
C LEU A 25 -34.77 32.21 15.07
N ASP A 26 -34.85 31.38 16.11
CA ASP A 26 -36.08 31.34 16.94
C ASP A 26 -36.27 32.64 17.69
N ASN A 27 -35.16 33.16 18.24
CA ASN A 27 -35.06 34.41 18.92
C ASN A 27 -35.00 35.57 17.91
N GLN A 28 -35.76 35.54 16.86
CA GLN A 28 -35.85 36.53 15.79
C GLN A 28 -37.18 36.20 15.12
N GLY A 29 -37.78 35.10 15.63
CA GLY A 29 -39.05 34.65 15.11
C GLY A 29 -39.05 34.37 13.61
N ILE A 30 -37.88 33.94 13.07
CA ILE A 30 -37.84 33.60 11.64
C ILE A 30 -38.28 32.16 11.48
N ASN A 31 -39.22 31.94 10.56
CA ASN A 31 -39.70 30.55 10.36
C ASN A 31 -38.55 29.68 9.82
N ASN A 32 -38.25 28.56 10.51
CA ASN A 32 -37.17 27.68 10.05
C ASN A 32 -37.35 26.22 10.40
N LYS A 33 -36.95 25.36 9.45
CA LYS A 33 -37.03 23.89 9.62
C LYS A 33 -35.63 23.35 9.38
N ILE A 34 -35.17 22.36 10.11
CA ILE A 34 -33.84 21.78 9.92
C ILE A 34 -33.98 20.27 9.73
N ILE A 35 -33.86 19.84 8.48
CA ILE A 35 -34.01 18.44 8.16
C ILE A 35 -32.72 17.69 7.93
N ASN A 36 -32.60 16.48 8.42
CA ASN A 36 -31.50 15.58 8.20
C ASN A 36 -31.87 14.70 6.99
N TYR A 37 -31.08 14.83 5.92
CA TYR A 37 -31.37 14.11 4.67
C TYR A 37 -31.50 12.62 4.88
N GLY A 38 -30.60 11.98 5.63
CA GLY A 38 -30.70 10.55 5.91
C GLY A 38 -31.97 10.26 6.70
N ASP A 39 -32.28 11.15 7.67
CA ASP A 39 -33.53 10.92 8.42
C ASP A 39 -34.74 11.00 7.49
N PHE A 40 -34.72 11.98 6.56
CA PHE A 40 -35.86 12.08 5.64
C PHE A 40 -35.92 10.86 4.75
N MET A 41 -34.74 10.31 4.43
CA MET A 41 -34.67 9.09 3.63
C MET A 41 -35.33 7.97 4.43
N LEU A 42 -34.88 7.75 5.65
CA LEU A 42 -35.41 6.74 6.55
C LEU A 42 -36.93 6.76 6.61
N ALA A 43 -37.46 7.96 6.86
CA ALA A 43 -38.89 8.20 6.89
C ALA A 43 -39.53 7.68 5.61
N THR A 44 -39.03 8.04 4.43
CA THR A 44 -39.62 7.56 3.17
C THR A 44 -39.51 6.03 3.11
N ALA A 45 -38.42 5.46 3.63
CA ALA A 45 -38.29 3.99 3.63
C ALA A 45 -39.50 3.41 4.35
N LEU A 46 -39.68 3.66 5.65
CA LEU A 46 -40.79 3.20 6.46
C LEU A 46 -42.15 3.24 5.77
N LYS A 47 -42.55 4.42 5.31
CA LYS A 47 -43.76 4.67 4.58
C LYS A 47 -43.76 4.14 3.13
N LEU A 48 -43.09 3.04 2.85
CA LEU A 48 -42.95 2.39 1.59
C LEU A 48 -42.48 0.94 1.85
N GLY A 49 -42.38 0.64 3.15
CA GLY A 49 -41.99 -0.62 3.68
C GLY A 49 -40.59 -1.14 3.44
N TYR A 50 -39.74 -0.45 2.67
CA TYR A 50 -38.40 -0.90 2.37
C TYR A 50 -37.64 -1.27 3.64
N ALA A 51 -37.32 -0.31 4.47
CA ALA A 51 -36.53 -0.59 5.68
C ALA A 51 -37.25 -0.12 6.94
N LYS A 52 -36.61 -0.29 8.09
CA LYS A 52 -37.25 0.07 9.36
C LYS A 52 -36.33 0.78 10.33
N ASP A 53 -35.03 0.70 10.07
CA ASP A 53 -34.09 1.40 10.98
C ASP A 53 -32.91 1.88 10.14
N ARG A 54 -32.10 2.82 10.66
CA ARG A 54 -30.99 3.30 9.84
C ARG A 54 -30.15 2.13 9.34
N ASP A 55 -29.89 1.16 10.23
CA ASP A 55 -29.11 0.00 9.93
C ASP A 55 -29.62 -0.85 8.79
N GLU A 56 -30.89 -1.21 8.76
CA GLU A 56 -31.41 -2.05 7.66
C GLU A 56 -31.56 -1.27 6.37
N MET A 57 -31.61 0.06 6.47
CA MET A 57 -31.69 0.95 5.32
C MET A 57 -30.36 1.01 4.57
N ARG A 58 -29.25 1.12 5.28
CA ARG A 58 -27.90 1.15 4.77
C ARG A 58 -27.41 -0.16 4.15
N LYS A 59 -28.29 -1.17 4.06
CA LYS A 59 -27.96 -2.47 3.52
C LYS A 59 -28.66 -2.70 2.18
N LEU A 60 -29.64 -1.84 1.91
CA LEU A 60 -30.43 -1.96 0.69
C LEU A 60 -29.60 -1.91 -0.59
N SER A 61 -30.16 -2.50 -1.65
CA SER A 61 -29.58 -2.55 -2.98
C SER A 61 -29.20 -1.14 -3.42
N VAL A 62 -28.32 -1.00 -4.43
CA VAL A 62 -27.98 0.35 -4.87
C VAL A 62 -29.21 1.01 -5.52
N GLU A 63 -29.90 0.29 -6.40
CA GLU A 63 -31.08 0.83 -7.05
C GLU A 63 -32.09 1.28 -6.01
N LYS A 64 -32.24 0.58 -4.88
CA LYS A 64 -33.21 0.96 -3.86
C LYS A 64 -32.80 2.26 -3.15
N GLN A 65 -31.55 2.35 -2.68
CA GLN A 65 -31.05 3.58 -2.07
C GLN A 65 -31.29 4.76 -3.02
N LYS A 66 -30.94 4.62 -4.30
CA LYS A 66 -31.17 5.67 -5.29
C LYS A 66 -32.64 6.07 -5.32
N LYS A 67 -33.55 5.11 -5.21
CA LYS A 67 -34.99 5.36 -5.16
C LYS A 67 -35.27 6.32 -3.98
N LEU A 68 -34.81 5.91 -2.79
CA LEU A 68 -34.96 6.69 -1.60
C LEU A 68 -34.33 8.07 -1.70
N GLN A 69 -33.22 8.18 -2.44
CA GLN A 69 -32.55 9.47 -2.54
C GLN A 69 -33.39 10.41 -3.39
N ILE A 70 -33.93 9.92 -4.52
CA ILE A 70 -34.77 10.82 -5.32
C ILE A 70 -36.01 11.27 -4.60
N ASP A 71 -36.88 10.36 -4.18
CA ASP A 71 -38.12 10.67 -3.48
C ASP A 71 -37.81 11.55 -2.28
N ALA A 72 -36.74 11.19 -1.57
CA ALA A 72 -36.45 12.06 -0.40
C ALA A 72 -36.18 13.46 -0.92
N ALA A 73 -35.36 13.64 -1.97
CA ALA A 73 -35.08 14.96 -2.52
C ALA A 73 -36.34 15.70 -2.94
N LYS A 74 -37.20 15.01 -3.70
CA LYS A 74 -38.46 15.57 -4.20
C LYS A 74 -39.33 16.01 -3.01
N GLY A 75 -39.41 15.09 -2.05
CA GLY A 75 -40.17 15.34 -0.84
C GLY A 75 -39.73 16.59 -0.12
N ILE A 76 -38.43 16.75 0.09
CA ILE A 76 -37.90 17.92 0.78
C ILE A 76 -38.23 19.18 0.01
N ALA A 77 -38.28 19.08 -1.33
CA ALA A 77 -38.62 20.31 -2.09
C ALA A 77 -40.08 20.68 -1.82
N GLU A 78 -41.00 19.70 -1.75
CA GLU A 78 -42.39 19.97 -1.43
C GLU A 78 -42.47 20.62 -0.05
N GLU A 79 -41.84 20.04 0.96
CA GLU A 79 -41.83 20.64 2.27
C GLU A 79 -41.41 22.11 2.27
N ALA A 80 -40.47 22.53 1.45
CA ALA A 80 -40.03 23.92 1.43
C ALA A 80 -41.01 24.85 0.73
N ARG A 81 -41.70 24.30 -0.28
CA ARG A 81 -42.65 25.14 -1.01
C ARG A 81 -43.90 25.29 -0.14
N ALA A 82 -44.34 24.24 0.52
CA ALA A 82 -45.45 24.27 1.45
C ALA A 82 -45.24 25.20 2.63
N GLY A 83 -44.05 25.28 3.19
CA GLY A 83 -43.75 26.05 4.37
C GLY A 83 -43.73 27.54 4.30
N GLY A 84 -44.15 28.17 3.21
CA GLY A 84 -44.18 29.61 3.11
C GLY A 84 -42.86 30.33 3.27
N GLU A 85 -42.88 31.56 3.73
CA GLU A 85 -41.65 32.35 3.91
C GLU A 85 -40.77 31.60 4.91
N GLY A 86 -39.48 31.90 4.98
CA GLY A 86 -38.61 31.21 5.94
C GLY A 86 -37.43 30.47 5.27
N TYR A 87 -36.59 29.90 6.11
CA TYR A 87 -35.38 29.19 5.82
C TYR A 87 -35.37 27.71 6.11
N LEU A 88 -35.29 26.85 5.09
CA LEU A 88 -35.24 25.39 5.33
C LEU A 88 -33.79 24.96 5.19
N PHE A 89 -33.24 24.25 6.16
CA PHE A 89 -31.82 23.87 6.04
C PHE A 89 -31.65 22.36 5.92
N ILE A 90 -30.90 21.85 4.96
CA ILE A 90 -30.73 20.38 4.86
C ILE A 90 -29.36 20.02 5.40
N ASP A 91 -29.34 19.07 6.33
CA ASP A 91 -28.07 18.64 6.93
C ASP A 91 -27.71 17.33 6.25
N THR A 92 -26.69 17.40 5.40
CA THR A 92 -26.22 16.20 4.68
C THR A 92 -24.74 16.31 4.43
N HIS A 93 -24.20 15.48 3.57
CA HIS A 93 -22.75 15.52 3.31
C HIS A 93 -22.48 15.93 1.87
N ALA A 94 -21.34 16.59 1.63
CA ALA A 94 -20.87 16.92 0.31
C ALA A 94 -20.20 15.66 -0.25
N VAL A 95 -19.45 14.94 0.57
CA VAL A 95 -18.85 13.69 0.19
C VAL A 95 -18.89 12.77 1.43
N ILE A 96 -18.89 11.49 1.21
CA ILE A 96 -18.86 10.53 2.31
C ILE A 96 -17.65 9.62 2.11
N ARG A 97 -16.83 9.35 3.11
CA ARG A 97 -15.69 8.43 2.88
C ARG A 97 -16.20 6.99 2.99
N THR A 98 -15.96 6.14 2.02
CA THR A 98 -16.38 4.76 1.97
C THR A 98 -15.19 3.91 1.49
N PRO A 99 -15.26 2.62 1.67
CA PRO A 99 -14.18 1.72 1.27
C PRO A 99 -13.87 1.76 -0.20
N SER A 100 -14.86 2.10 -1.02
CA SER A 100 -14.77 2.30 -2.44
C SER A 100 -14.25 3.66 -2.86
N GLY A 101 -14.07 4.60 -1.94
CA GLY A 101 -13.59 5.95 -2.29
C GLY A 101 -14.58 7.01 -1.81
N TYR A 102 -14.52 8.23 -2.33
CA TYR A 102 -15.42 9.30 -1.90
C TYR A 102 -16.74 9.26 -2.62
N LEU A 103 -17.86 9.18 -1.93
CA LEU A 103 -19.15 9.15 -2.56
C LEU A 103 -19.81 10.52 -2.45
N PRO A 104 -20.06 11.15 -3.58
CA PRO A 104 -20.69 12.47 -3.62
C PRO A 104 -22.00 12.41 -2.84
N GLY A 105 -22.23 13.39 -1.97
CA GLY A 105 -23.49 13.36 -1.19
C GLY A 105 -24.62 13.96 -1.96
N LEU A 106 -24.33 14.79 -2.98
CA LEU A 106 -25.30 15.45 -3.80
C LEU A 106 -25.18 15.16 -5.26
N PRO A 107 -25.38 13.94 -5.68
CA PRO A 107 -25.27 13.61 -7.12
C PRO A 107 -26.33 14.36 -7.90
N SER A 108 -26.14 14.52 -9.22
CA SER A 108 -27.07 15.24 -10.07
C SER A 108 -28.52 14.87 -9.86
N TYR A 109 -28.85 13.59 -9.87
CA TYR A 109 -30.24 13.18 -9.72
C TYR A 109 -30.81 13.64 -8.39
N VAL A 110 -30.02 14.10 -7.43
CA VAL A 110 -30.53 14.64 -6.18
C VAL A 110 -30.46 16.16 -6.13
N ILE A 111 -29.30 16.75 -6.45
CA ILE A 111 -29.22 18.23 -6.34
C ILE A 111 -30.19 18.92 -7.26
N THR A 112 -30.43 18.46 -8.47
CA THR A 112 -31.39 19.10 -9.37
C THR A 112 -32.83 18.92 -8.89
N GLU A 113 -33.14 18.06 -7.93
CA GLU A 113 -34.53 17.94 -7.45
C GLU A 113 -34.76 18.94 -6.32
N ILE A 114 -33.73 19.30 -5.57
CA ILE A 114 -33.83 20.19 -4.45
C ILE A 114 -33.68 21.66 -4.79
N ASN A 115 -32.78 22.05 -5.65
CA ASN A 115 -32.49 23.37 -6.11
C ASN A 115 -32.27 24.38 -5.00
N PRO A 116 -31.22 24.17 -4.25
CA PRO A 116 -30.91 25.06 -3.15
C PRO A 116 -30.41 26.39 -3.68
N SER A 117 -30.19 27.34 -2.79
CA SER A 117 -29.63 28.63 -3.16
C SER A 117 -28.14 28.63 -2.80
N VAL A 118 -27.91 27.97 -1.65
CA VAL A 118 -26.64 27.87 -1.03
C VAL A 118 -26.29 26.45 -0.58
N ILE A 119 -25.03 26.09 -0.79
CA ILE A 119 -24.47 24.84 -0.37
C ILE A 119 -23.30 25.30 0.55
N PHE A 120 -23.37 25.07 1.84
CA PHE A 120 -22.30 25.45 2.71
C PHE A 120 -21.33 24.32 2.99
N LEU A 121 -20.06 24.68 3.10
CA LEU A 121 -19.04 23.71 3.43
C LEU A 121 -18.45 24.14 4.79
N LEU A 122 -18.75 23.42 5.84
CA LEU A 122 -18.16 23.80 7.13
C LEU A 122 -16.75 23.24 7.18
N GLU A 123 -15.71 24.03 7.30
CA GLU A 123 -14.35 23.49 7.45
C GLU A 123 -13.82 23.92 8.82
N ALA A 124 -12.73 23.37 9.28
CA ALA A 124 -12.08 23.69 10.55
C ALA A 124 -10.61 23.38 10.34
N ASP A 125 -9.74 23.70 11.27
CA ASP A 125 -8.31 23.34 11.08
C ASP A 125 -8.16 21.82 11.31
N PRO A 126 -7.42 21.14 10.45
CA PRO A 126 -7.19 19.72 10.60
C PRO A 126 -6.84 19.30 12.01
N LYS A 127 -5.99 20.05 12.70
CA LYS A 127 -5.57 19.84 14.08
C LYS A 127 -6.73 19.81 15.06
N ILE A 128 -7.66 20.74 14.92
CA ILE A 128 -8.87 20.84 15.71
C ILE A 128 -9.74 19.61 15.50
N ILE A 129 -9.92 19.20 14.24
CA ILE A 129 -10.71 18.01 13.90
C ILE A 129 -10.12 16.78 14.58
N LEU A 130 -8.80 16.64 14.57
CA LEU A 130 -8.11 15.54 15.23
C LEU A 130 -8.30 15.59 16.74
N SER A 131 -8.27 16.79 17.31
CA SER A 131 -8.44 17.02 18.73
C SER A 131 -9.79 16.59 19.25
N ARG A 132 -10.84 16.76 18.46
CA ARG A 132 -12.18 16.33 18.77
C ARG A 132 -12.33 14.83 18.51
N GLN A 133 -11.35 14.21 17.87
CA GLN A 133 -11.38 12.79 17.53
C GLN A 133 -11.05 11.91 18.71
N LYS A 134 -10.15 12.37 19.57
CA LYS A 134 -9.78 11.58 20.75
C LYS A 134 -10.76 11.86 21.90
N ARG A 135 -11.37 13.03 21.83
CA ARG A 135 -12.31 13.55 22.79
C ARG A 135 -13.71 13.00 22.77
N ASP A 136 -14.29 12.55 21.64
CA ASP A 136 -15.66 12.05 21.72
C ASP A 136 -15.94 10.83 20.84
N THR A 137 -16.55 9.88 21.53
CA THR A 137 -16.96 8.59 21.05
C THR A 137 -18.47 8.38 21.14
N THR A 138 -19.25 9.26 20.80
CA THR A 138 -20.68 9.04 20.52
C THR A 138 -20.63 8.04 19.37
N ARG A 139 -19.98 7.60 18.75
CA ARG A 139 -19.28 7.14 17.61
C ARG A 139 -17.84 6.65 17.71
N ASN A 140 -16.75 7.30 17.98
CA ASN A 140 -15.36 7.01 18.01
C ASN A 140 -14.90 6.65 16.56
N ARG A 141 -14.57 7.81 16.00
CA ARG A 141 -14.06 7.87 14.65
C ARG A 141 -12.55 7.84 14.72
N ASN A 142 -12.10 6.71 14.20
CA ASN A 142 -10.75 6.25 14.04
C ASN A 142 -10.48 6.11 12.54
N ASP A 143 -11.27 6.85 11.74
CA ASP A 143 -11.05 6.79 10.29
C ASP A 143 -9.96 7.82 9.96
N TYR A 144 -10.01 9.02 10.56
CA TYR A 144 -8.96 10.00 10.29
C TYR A 144 -7.66 9.59 10.98
N SER A 145 -6.76 9.10 10.14
CA SER A 145 -5.46 8.65 10.60
C SER A 145 -4.58 9.84 10.91
N ASP A 146 -4.38 10.70 9.94
CA ASP A 146 -3.55 11.87 10.14
C ASP A 146 -4.22 13.08 9.50
N GLU A 147 -3.52 14.20 9.53
CA GLU A 147 -4.07 15.40 8.97
C GLU A 147 -4.05 15.41 7.47
N SER A 148 -3.27 14.53 6.85
CA SER A 148 -3.23 14.52 5.38
C SER A 148 -4.52 13.93 4.83
N VAL A 149 -5.16 13.01 5.50
CA VAL A 149 -6.44 12.44 5.08
C VAL A 149 -7.57 13.42 5.29
N ILE A 150 -7.46 14.29 6.32
CA ILE A 150 -8.42 15.32 6.59
C ILE A 150 -8.38 16.32 5.43
N LEU A 151 -7.18 16.72 5.06
CA LEU A 151 -6.93 17.62 3.95
C LEU A 151 -7.55 17.14 2.65
N GLU A 152 -7.34 15.89 2.31
CA GLU A 152 -7.83 15.24 1.12
C GLU A 152 -9.37 15.20 1.11
N THR A 153 -9.98 14.89 2.24
CA THR A 153 -11.41 14.80 2.39
C THR A 153 -12.00 16.20 2.16
N ILE A 154 -11.37 17.22 2.71
CA ILE A 154 -11.75 18.58 2.54
C ILE A 154 -11.72 18.97 1.08
N ASN A 155 -10.67 18.69 0.35
CA ASN A 155 -10.59 19.04 -1.06
C ASN A 155 -11.64 18.31 -1.87
N PHE A 156 -11.82 17.02 -1.61
CA PHE A 156 -12.82 16.27 -2.40
C PHE A 156 -14.19 16.85 -2.16
N ALA A 157 -14.48 17.26 -0.94
CA ALA A 157 -15.73 17.87 -0.56
C ALA A 157 -15.91 19.18 -1.33
N ARG A 158 -14.82 19.93 -1.49
CA ARG A 158 -14.93 21.18 -2.20
C ARG A 158 -15.18 20.89 -3.68
N TYR A 159 -14.44 19.91 -4.20
CA TYR A 159 -14.57 19.55 -5.61
C TYR A 159 -16.00 19.14 -5.92
N ALA A 160 -16.52 18.25 -5.10
CA ALA A 160 -17.87 17.75 -5.30
C ALA A 160 -18.98 18.76 -5.07
N ALA A 161 -18.86 19.60 -4.05
CA ALA A 161 -19.85 20.61 -3.72
C ALA A 161 -19.90 21.62 -4.87
N THR A 162 -18.72 21.98 -5.37
CA THR A 162 -18.65 22.93 -6.48
C THR A 162 -19.32 22.33 -7.70
N ALA A 163 -19.05 21.05 -7.93
CA ALA A 163 -19.67 20.41 -9.11
C ALA A 163 -21.16 20.38 -8.97
N SER A 164 -21.64 20.04 -7.77
CA SER A 164 -23.08 20.03 -7.52
C SER A 164 -23.65 21.43 -7.67
N ALA A 165 -22.90 22.45 -7.21
CA ALA A 165 -23.36 23.83 -7.32
C ALA A 165 -23.46 24.20 -8.79
N VAL A 166 -22.46 23.78 -9.60
CA VAL A 166 -22.55 24.07 -11.03
C VAL A 166 -23.79 23.39 -11.60
N LEU A 167 -24.24 22.21 -11.17
CA LEU A 167 -25.41 21.64 -11.80
C LEU A 167 -26.71 22.34 -11.38
N ALA A 168 -26.82 22.80 -10.15
CA ALA A 168 -28.08 23.44 -9.75
C ALA A 168 -28.04 24.96 -9.87
N GLY A 169 -26.85 25.56 -10.01
CA GLY A 169 -26.82 27.01 -10.04
C GLY A 169 -27.01 27.52 -8.62
N SER A 170 -26.23 26.96 -7.70
CA SER A 170 -26.35 27.40 -6.31
C SER A 170 -25.01 27.98 -5.94
N THR A 171 -24.84 28.64 -4.82
CA THR A 171 -23.49 29.14 -4.50
C THR A 171 -22.81 28.06 -3.65
N VAL A 172 -21.54 28.20 -3.41
CA VAL A 172 -20.75 27.34 -2.56
C VAL A 172 -20.08 28.29 -1.56
N LYS A 173 -20.40 28.12 -0.29
CA LYS A 173 -19.88 29.01 0.74
C LYS A 173 -19.02 28.21 1.71
N VAL A 174 -17.78 28.61 1.84
CA VAL A 174 -16.93 27.99 2.82
C VAL A 174 -17.15 28.77 4.13
N ILE A 175 -17.46 28.09 5.19
CA ILE A 175 -17.65 28.64 6.50
C ILE A 175 -16.62 28.01 7.45
N VAL A 176 -15.72 28.78 8.03
CA VAL A 176 -14.80 28.20 9.00
C VAL A 176 -15.53 28.08 10.34
N ASN A 177 -15.51 26.90 10.96
CA ASN A 177 -16.16 26.75 12.25
C ASN A 177 -15.05 27.12 13.27
N VAL A 178 -15.27 28.23 13.95
CA VAL A 178 -14.26 28.65 14.96
C VAL A 178 -14.44 27.74 16.17
N GLU A 179 -13.33 27.39 16.75
CA GLU A 179 -13.32 26.45 17.89
C GLU A 179 -13.97 26.99 19.15
N GLY A 180 -13.65 28.22 19.56
CA GLY A 180 -14.27 28.79 20.74
C GLY A 180 -15.79 28.95 20.61
N ASP A 181 -16.23 29.70 19.57
CA ASP A 181 -17.65 29.94 19.44
C ASP A 181 -18.35 29.55 18.17
N PRO A 182 -19.34 28.65 18.27
CA PRO A 182 -20.18 28.21 17.19
C PRO A 182 -21.10 29.26 16.58
N SER A 183 -21.15 30.47 17.09
CA SER A 183 -22.05 31.50 16.57
C SER A 183 -21.36 32.19 15.40
N ILE A 184 -20.01 32.19 15.43
CA ILE A 184 -19.39 32.84 14.25
C ILE A 184 -19.93 32.15 13.00
N ALA A 185 -19.88 30.80 12.98
CA ALA A 185 -20.42 30.04 11.87
C ALA A 185 -21.91 30.23 11.68
N ALA A 186 -22.69 30.13 12.76
CA ALA A 186 -24.16 30.26 12.53
C ALA A 186 -24.53 31.65 12.03
N ASN A 187 -23.79 32.70 12.44
CA ASN A 187 -24.19 34.01 11.94
C ASN A 187 -23.89 34.06 10.45
N GLU A 188 -22.73 33.49 10.07
CA GLU A 188 -22.40 33.48 8.62
C GLU A 188 -23.45 32.69 7.83
N ILE A 189 -23.87 31.56 8.41
CA ILE A 189 -24.90 30.80 7.63
C ILE A 189 -26.12 31.67 7.40
N ILE A 190 -26.61 32.28 8.48
CA ILE A 190 -27.77 33.18 8.46
C ILE A 190 -27.54 34.39 7.56
N ARG A 191 -26.44 35.13 7.69
CA ARG A 191 -26.20 36.25 6.79
C ARG A 191 -26.38 35.82 5.34
N SER A 192 -25.71 34.73 4.93
CA SER A 192 -25.72 34.20 3.60
C SER A 192 -27.07 33.84 3.06
N MET A 193 -28.06 33.64 3.91
CA MET A 193 -29.39 33.29 3.44
C MET A 193 -30.28 34.47 3.12
N LYS A 194 -29.95 35.68 3.54
CA LYS A 194 -30.71 36.89 3.26
C LYS A 194 -30.82 37.15 1.76
N MET B 1 -22.07 -7.20 -14.68
CA MET B 1 -20.69 -6.81 -14.29
C MET B 1 -20.65 -5.42 -13.69
N LYS B 2 -19.97 -5.33 -12.56
CA LYS B 2 -19.81 -4.03 -11.86
C LYS B 2 -18.72 -3.31 -12.64
N ILE B 3 -18.91 -2.04 -13.00
CA ILE B 3 -17.92 -1.33 -13.79
C ILE B 3 -17.07 -0.38 -12.95
N GLY B 4 -15.80 -0.34 -13.27
CA GLY B 4 -14.82 0.52 -12.65
C GLY B 4 -14.02 1.21 -13.74
N ILE B 5 -13.86 2.54 -13.60
CA ILE B 5 -13.07 3.22 -14.64
C ILE B 5 -11.72 3.51 -14.06
N VAL B 6 -10.68 3.03 -14.68
CA VAL B 6 -9.32 3.23 -14.23
C VAL B 6 -8.67 4.32 -15.08
N THR B 7 -8.31 5.42 -14.44
CA THR B 7 -7.70 6.54 -15.15
C THR B 7 -6.34 6.81 -14.53
N GLY B 8 -5.48 7.50 -15.26
CA GLY B 8 -4.13 7.77 -14.75
C GLY B 8 -3.53 8.80 -15.71
N ILE B 9 -2.61 9.60 -15.20
CA ILE B 9 -1.98 10.56 -16.14
C ILE B 9 -0.82 9.75 -16.71
N PRO B 10 -0.42 10.11 -17.91
CA PRO B 10 0.65 9.43 -18.62
C PRO B 10 1.86 9.23 -17.75
N GLY B 11 2.42 8.01 -17.67
CA GLY B 11 3.60 7.87 -16.82
C GLY B 11 3.32 7.29 -15.47
N VAL B 12 2.06 7.26 -15.02
CA VAL B 12 1.77 6.70 -13.70
C VAL B 12 2.01 5.19 -13.69
N GLY B 13 1.89 4.50 -14.83
CA GLY B 13 2.06 3.04 -14.79
C GLY B 13 0.71 2.36 -14.87
N LYS B 14 -0.25 3.06 -15.50
CA LYS B 14 -1.57 2.46 -15.60
C LYS B 14 -1.52 1.12 -16.34
N SER B 15 -0.76 0.95 -17.45
CA SER B 15 -0.81 -0.38 -18.08
C SER B 15 -0.21 -1.47 -17.21
N THR B 16 0.89 -1.20 -16.54
CA THR B 16 1.43 -2.26 -15.65
C THR B 16 0.42 -2.64 -14.60
N VAL B 17 -0.22 -1.67 -13.93
CA VAL B 17 -1.19 -1.99 -12.89
C VAL B 17 -2.35 -2.78 -13.44
N LEU B 18 -2.88 -2.41 -14.61
CA LEU B 18 -4.02 -3.11 -15.23
C LEU B 18 -3.64 -4.56 -15.52
N ALA B 19 -2.45 -4.78 -16.07
CA ALA B 19 -1.90 -6.13 -16.30
C ALA B 19 -1.95 -6.89 -14.98
N LYS B 20 -1.57 -6.25 -13.86
CA LYS B 20 -1.63 -6.90 -12.54
C LYS B 20 -3.02 -7.17 -12.02
N VAL B 21 -3.97 -6.28 -12.31
CA VAL B 21 -5.37 -6.52 -11.92
C VAL B 21 -5.92 -7.75 -12.65
N LYS B 22 -5.63 -7.88 -13.94
CA LYS B 22 -6.14 -9.05 -14.70
C LYS B 22 -5.54 -10.35 -14.17
N GLU B 23 -4.22 -10.34 -14.02
CA GLU B 23 -3.47 -11.48 -13.47
C GLU B 23 -4.04 -11.90 -12.14
N ILE B 24 -4.17 -10.98 -11.17
CA ILE B 24 -4.79 -11.37 -9.90
C ILE B 24 -6.20 -11.84 -10.03
N LEU B 25 -7.03 -11.31 -10.93
CA LEU B 25 -8.43 -11.77 -10.95
C LEU B 25 -8.51 -13.13 -11.61
N ASP B 26 -7.73 -13.40 -12.63
CA ASP B 26 -7.74 -14.70 -13.29
C ASP B 26 -7.33 -15.81 -12.32
N ASN B 27 -6.23 -15.52 -11.57
CA ASN B 27 -5.78 -16.46 -10.55
C ASN B 27 -6.89 -16.70 -9.54
N GLN B 28 -7.76 -15.78 -9.18
CA GLN B 28 -8.84 -16.12 -8.24
C GLN B 28 -10.07 -16.68 -8.98
N GLY B 29 -9.91 -16.92 -10.27
CA GLY B 29 -10.96 -17.36 -11.16
C GLY B 29 -12.17 -16.44 -11.09
N ILE B 30 -11.94 -15.12 -11.14
CA ILE B 30 -13.06 -14.16 -11.05
C ILE B 30 -13.25 -13.52 -12.44
N ASN B 31 -14.48 -13.57 -12.92
CA ASN B 31 -14.79 -13.04 -14.24
C ASN B 31 -14.45 -11.55 -14.38
N ASN B 32 -13.69 -11.22 -15.40
CA ASN B 32 -13.23 -9.92 -15.69
C ASN B 32 -12.86 -9.64 -17.14
N LYS B 33 -13.09 -8.38 -17.51
CA LYS B 33 -12.79 -7.90 -18.86
C LYS B 33 -12.10 -6.53 -18.72
N ILE B 34 -11.08 -6.24 -19.51
CA ILE B 34 -10.41 -4.97 -19.43
C ILE B 34 -10.49 -4.32 -20.82
N ILE B 35 -11.31 -3.30 -20.95
CA ILE B 35 -11.53 -2.58 -22.17
C ILE B 35 -10.82 -1.25 -22.29
N ASN B 36 -10.04 -1.07 -23.32
CA ASN B 36 -9.36 0.17 -23.65
C ASN B 36 -10.37 1.08 -24.37
N TYR B 37 -10.84 2.14 -23.72
CA TYR B 37 -11.85 3.00 -24.28
C TYR B 37 -11.52 3.51 -25.69
N GLY B 38 -10.33 3.93 -25.98
CA GLY B 38 -9.93 4.44 -27.27
C GLY B 38 -10.07 3.35 -28.34
N ASP B 39 -9.66 2.12 -28.03
CA ASP B 39 -9.72 0.99 -28.91
C ASP B 39 -11.18 0.62 -29.20
N PHE B 40 -12.03 0.66 -28.23
CA PHE B 40 -13.44 0.32 -28.39
C PHE B 40 -14.18 1.41 -29.15
N MET B 41 -13.62 2.61 -29.15
CA MET B 41 -14.25 3.73 -29.82
C MET B 41 -13.96 3.51 -31.32
N LEU B 42 -12.72 3.17 -31.63
CA LEU B 42 -12.28 2.87 -32.96
C LEU B 42 -13.09 1.68 -33.51
N ALA B 43 -13.27 0.66 -32.71
CA ALA B 43 -14.06 -0.49 -33.07
C ALA B 43 -15.49 -0.08 -33.38
N THR B 44 -15.98 0.87 -32.60
CA THR B 44 -17.34 1.36 -32.74
C THR B 44 -17.45 2.17 -34.03
N ALA B 45 -16.46 2.96 -34.33
CA ALA B 45 -16.33 3.76 -35.52
C ALA B 45 -16.33 2.85 -36.75
N LEU B 46 -15.64 1.72 -36.68
CA LEU B 46 -15.58 0.79 -37.78
C LEU B 46 -16.94 0.15 -37.98
N LYS B 47 -17.54 -0.40 -36.95
CA LYS B 47 -18.84 -1.00 -37.07
C LYS B 47 -19.92 -0.05 -37.54
N LEU B 48 -19.94 1.23 -37.22
CA LEU B 48 -20.99 2.14 -37.64
C LEU B 48 -20.61 3.08 -38.75
N GLY B 49 -19.64 2.78 -39.59
CA GLY B 49 -19.23 3.60 -40.68
C GLY B 49 -18.40 4.81 -40.44
N TYR B 50 -18.56 5.62 -39.40
CA TYR B 50 -17.81 6.81 -39.13
C TYR B 50 -16.36 6.88 -39.62
N ALA B 51 -15.54 5.85 -39.53
CA ALA B 51 -14.15 5.97 -39.95
C ALA B 51 -13.51 4.59 -40.07
N LYS B 52 -12.37 4.48 -40.74
CA LYS B 52 -11.67 3.23 -40.98
C LYS B 52 -10.30 3.13 -40.35
N ASP B 53 -9.90 4.04 -39.48
CA ASP B 53 -8.59 4.03 -38.83
C ASP B 53 -8.54 5.21 -37.86
N ARG B 54 -7.56 5.33 -36.99
CA ARG B 54 -7.49 6.40 -36.03
C ARG B 54 -7.40 7.80 -36.58
N ASP B 55 -6.39 8.05 -37.43
CA ASP B 55 -6.22 9.39 -37.99
C ASP B 55 -7.54 9.84 -38.59
N GLU B 56 -8.18 8.96 -39.35
CA GLU B 56 -9.49 9.23 -39.90
C GLU B 56 -10.47 9.61 -38.79
N MET B 57 -10.50 8.86 -37.69
CA MET B 57 -11.38 9.06 -36.57
C MET B 57 -11.13 10.37 -35.81
N ARG B 58 -9.86 10.72 -35.67
CA ARG B 58 -9.41 11.91 -34.98
C ARG B 58 -9.70 13.19 -35.71
N LYS B 59 -9.70 13.17 -37.03
CA LYS B 59 -9.98 14.33 -37.89
C LYS B 59 -11.48 14.31 -38.21
N LEU B 60 -12.32 14.16 -37.19
CA LEU B 60 -13.76 14.04 -37.47
C LEU B 60 -14.51 15.21 -36.90
N SER B 61 -15.63 15.60 -37.50
CA SER B 61 -16.43 16.72 -37.00
C SER B 61 -16.82 16.59 -35.53
N VAL B 62 -16.68 17.64 -34.75
CA VAL B 62 -17.08 17.66 -33.34
C VAL B 62 -18.45 17.05 -33.11
N GLU B 63 -19.47 17.24 -33.92
CA GLU B 63 -20.78 16.67 -33.72
C GLU B 63 -20.76 15.15 -33.94
N LYS B 64 -19.86 14.69 -34.80
CA LYS B 64 -19.74 13.26 -35.07
C LYS B 64 -19.04 12.57 -33.90
N GLN B 65 -17.96 13.16 -33.41
CA GLN B 65 -17.21 12.68 -32.28
C GLN B 65 -18.14 12.50 -31.07
N LYS B 66 -18.94 13.52 -30.78
CA LYS B 66 -19.86 13.41 -29.64
C LYS B 66 -20.81 12.26 -29.84
N LYS B 67 -21.19 11.92 -31.07
CA LYS B 67 -22.12 10.79 -31.25
C LYS B 67 -21.42 9.49 -30.99
N LEU B 68 -20.23 9.39 -31.56
CA LEU B 68 -19.36 8.23 -31.46
C LEU B 68 -19.02 7.92 -30.01
N GLN B 69 -18.76 8.96 -29.19
CA GLN B 69 -18.45 8.73 -27.79
C GLN B 69 -19.68 8.18 -27.09
N ILE B 70 -20.84 8.69 -27.44
CA ILE B 70 -22.07 8.18 -26.86
C ILE B 70 -22.34 6.75 -27.21
N ASP B 71 -22.08 6.38 -28.47
CA ASP B 71 -22.35 5.00 -28.89
C ASP B 71 -21.41 4.01 -28.25
N ALA B 72 -20.14 4.38 -28.17
CA ALA B 72 -19.11 3.57 -27.51
C ALA B 72 -19.52 3.37 -26.06
N ALA B 73 -19.86 4.51 -25.43
CA ALA B 73 -20.35 4.46 -24.04
C ALA B 73 -21.51 3.52 -23.93
N LYS B 74 -22.53 3.59 -24.81
CA LYS B 74 -23.66 2.66 -24.75
C LYS B 74 -23.19 1.23 -24.93
N GLY B 75 -22.27 1.03 -25.87
CA GLY B 75 -21.70 -0.30 -26.16
C GLY B 75 -21.03 -0.93 -24.96
N ILE B 76 -20.14 -0.15 -24.31
CA ILE B 76 -19.48 -0.64 -23.11
C ILE B 76 -20.52 -1.00 -22.07
N ALA B 77 -21.54 -0.17 -21.83
CA ALA B 77 -22.56 -0.60 -20.85
C ALA B 77 -23.26 -1.92 -21.20
N GLU B 78 -23.37 -2.24 -22.48
CA GLU B 78 -23.98 -3.47 -22.94
C GLU B 78 -23.06 -4.64 -22.56
N GLU B 79 -21.79 -4.54 -22.95
CA GLU B 79 -20.74 -5.49 -22.61
C GLU B 79 -20.87 -5.81 -21.12
N ALA B 80 -21.00 -4.78 -20.29
CA ALA B 80 -21.13 -5.03 -18.88
C ALA B 80 -22.40 -5.77 -18.52
N ARG B 81 -23.54 -5.49 -19.11
CA ARG B 81 -24.80 -6.16 -18.82
C ARG B 81 -24.81 -7.61 -19.31
N ALA B 82 -24.16 -7.93 -20.40
CA ALA B 82 -24.03 -9.19 -21.04
C ALA B 82 -23.04 -10.18 -20.42
N GLY B 83 -21.98 -9.70 -19.79
CA GLY B 83 -20.94 -10.49 -19.17
C GLY B 83 -21.34 -11.12 -17.85
N GLY B 84 -22.52 -10.80 -17.33
CA GLY B 84 -23.04 -11.35 -16.11
C GLY B 84 -22.22 -11.00 -14.89
N GLU B 85 -21.89 -11.96 -14.04
CA GLU B 85 -21.12 -11.68 -12.85
C GLU B 85 -19.67 -11.40 -13.26
N GLY B 86 -19.09 -10.49 -12.47
CA GLY B 86 -17.73 -10.09 -12.67
C GLY B 86 -17.53 -8.59 -12.51
N TYR B 87 -16.36 -8.19 -13.01
CA TYR B 87 -15.83 -6.88 -12.96
C TYR B 87 -15.35 -6.48 -14.33
N LEU B 88 -15.88 -5.33 -14.79
CA LEU B 88 -15.43 -4.80 -16.09
C LEU B 88 -14.68 -3.50 -15.81
N PHE B 89 -13.47 -3.35 -16.26
CA PHE B 89 -12.68 -2.19 -16.04
C PHE B 89 -12.49 -1.46 -17.37
N ILE B 90 -12.68 -0.12 -17.32
CA ILE B 90 -12.42 0.66 -18.51
C ILE B 90 -11.11 1.41 -18.33
N ASP B 91 -10.23 1.29 -19.29
CA ASP B 91 -8.97 2.01 -19.30
C ASP B 91 -9.15 3.26 -20.14
N THR B 92 -9.25 4.40 -19.48
CA THR B 92 -9.41 5.70 -20.11
C THR B 92 -8.77 6.78 -19.28
N HIS B 93 -8.98 8.05 -19.59
CA HIS B 93 -8.38 9.22 -19.04
C HIS B 93 -9.38 10.07 -18.29
N ALA B 94 -8.98 10.74 -17.22
CA ALA B 94 -9.97 11.61 -16.53
C ALA B 94 -9.91 12.92 -17.33
N VAL B 95 -8.65 13.29 -17.63
CA VAL B 95 -8.40 14.43 -18.49
C VAL B 95 -7.25 14.03 -19.47
N ILE B 96 -7.28 14.55 -20.68
CA ILE B 96 -6.25 14.32 -21.69
C ILE B 96 -5.52 15.65 -21.87
N ARG B 97 -4.23 15.82 -21.61
CA ARG B 97 -3.62 17.13 -21.81
C ARG B 97 -3.44 17.37 -23.33
N THR B 98 -4.02 18.46 -23.80
CA THR B 98 -3.82 18.79 -25.21
C THR B 98 -3.25 20.23 -25.24
N PRO B 99 -2.70 20.59 -26.37
CA PRO B 99 -2.14 21.94 -26.56
C PRO B 99 -3.24 22.97 -26.40
N SER B 100 -4.45 22.65 -26.86
CA SER B 100 -5.67 23.44 -26.67
C SER B 100 -6.24 23.38 -25.25
N GLY B 101 -5.63 22.65 -24.31
CA GLY B 101 -5.99 22.57 -22.92
C GLY B 101 -6.42 21.19 -22.44
N TYR B 102 -6.92 21.08 -21.21
CA TYR B 102 -7.38 19.82 -20.65
C TYR B 102 -8.73 19.40 -21.22
N LEU B 103 -8.83 18.20 -21.76
CA LEU B 103 -10.11 17.71 -22.28
C LEU B 103 -10.61 16.62 -21.36
N PRO B 104 -11.78 16.80 -20.77
CA PRO B 104 -12.32 15.77 -19.89
C PRO B 104 -12.53 14.50 -20.69
N GLY B 105 -12.11 13.37 -20.15
CA GLY B 105 -12.30 12.05 -20.74
C GLY B 105 -13.67 11.50 -20.42
N LEU B 106 -14.38 11.94 -19.37
CA LEU B 106 -15.71 11.43 -19.05
C LEU B 106 -16.75 12.51 -18.89
N PRO B 107 -17.06 13.21 -20.00
CA PRO B 107 -18.05 14.26 -20.04
C PRO B 107 -19.42 13.68 -19.78
N SER B 108 -20.32 14.57 -19.37
CA SER B 108 -21.68 14.13 -19.04
C SER B 108 -22.32 13.15 -19.99
N TYR B 109 -22.25 13.31 -21.30
CA TYR B 109 -22.96 12.42 -22.22
C TYR B 109 -22.34 11.05 -22.28
N VAL B 110 -21.08 10.87 -21.91
CA VAL B 110 -20.42 9.59 -21.79
C VAL B 110 -20.65 8.97 -20.42
N ILE B 111 -20.32 9.74 -19.34
CA ILE B 111 -20.45 9.17 -17.98
C ILE B 111 -21.82 8.70 -17.59
N THR B 112 -22.93 9.34 -17.94
CA THR B 112 -24.27 8.90 -17.56
C THR B 112 -24.75 7.73 -18.42
N GLU B 113 -24.06 7.42 -19.50
CA GLU B 113 -24.39 6.27 -20.30
C GLU B 113 -23.73 5.05 -19.67
N ILE B 114 -22.49 5.19 -19.22
CA ILE B 114 -21.78 4.11 -18.54
C ILE B 114 -22.24 3.87 -17.11
N ASN B 115 -22.54 4.81 -16.24
CA ASN B 115 -22.93 4.59 -14.84
C ASN B 115 -22.03 3.65 -14.04
N PRO B 116 -20.77 4.01 -13.89
CA PRO B 116 -19.83 3.17 -13.17
C PRO B 116 -20.06 3.22 -11.68
N SER B 117 -19.55 2.25 -10.98
CA SER B 117 -19.63 2.23 -9.52
C SER B 117 -18.51 3.12 -8.97
N VAL B 118 -17.33 2.95 -9.56
CA VAL B 118 -16.15 3.65 -9.13
C VAL B 118 -15.32 4.20 -10.29
N ILE B 119 -14.73 5.35 -10.04
CA ILE B 119 -13.79 5.99 -10.94
C ILE B 119 -12.44 6.04 -10.21
N PHE B 120 -11.42 5.38 -10.71
CA PHE B 120 -10.12 5.36 -10.05
C PHE B 120 -9.19 6.38 -10.69
N LEU B 121 -8.40 6.98 -9.81
CA LEU B 121 -7.40 7.99 -10.19
C LEU B 121 -6.05 7.42 -9.75
N LEU B 122 -5.26 7.08 -10.73
CA LEU B 122 -3.95 6.46 -10.41
C LEU B 122 -3.00 7.62 -10.24
N GLU B 123 -2.39 7.70 -9.07
CA GLU B 123 -1.47 8.87 -8.88
C GLU B 123 -0.18 8.34 -8.33
N ALA B 124 0.89 9.10 -8.51
CA ALA B 124 2.19 8.73 -7.93
C ALA B 124 2.86 10.07 -7.56
N ASP B 125 4.02 9.95 -6.97
CA ASP B 125 4.81 11.15 -6.65
C ASP B 125 5.29 11.77 -7.96
N PRO B 126 5.13 13.08 -8.15
CA PRO B 126 5.59 13.76 -9.36
C PRO B 126 7.03 13.43 -9.71
N LYS B 127 7.89 13.22 -8.71
CA LYS B 127 9.27 12.86 -8.96
C LYS B 127 9.31 11.50 -9.64
N ILE B 128 8.70 10.49 -9.01
CA ILE B 128 8.62 9.17 -9.63
C ILE B 128 8.05 9.19 -11.04
N ILE B 129 7.12 10.08 -11.42
CA ILE B 129 6.57 10.13 -12.76
C ILE B 129 7.52 10.76 -13.77
N LEU B 130 8.38 11.67 -13.30
CA LEU B 130 9.34 12.36 -14.18
C LEU B 130 10.45 11.35 -14.50
N SER B 131 10.81 10.52 -13.52
CA SER B 131 11.83 9.50 -13.77
C SER B 131 11.34 8.52 -14.82
N ARG B 132 10.07 8.16 -14.81
CA ARG B 132 9.45 7.27 -15.78
C ARG B 132 9.12 7.92 -17.11
N GLN B 133 9.69 9.08 -17.41
CA GLN B 133 9.51 9.84 -18.63
C GLN B 133 10.72 9.56 -19.54
N LYS B 134 11.89 9.63 -18.92
CA LYS B 134 13.15 9.42 -19.63
C LYS B 134 13.66 7.98 -19.47
N ARG B 135 13.21 7.28 -18.44
CA ARG B 135 13.62 5.91 -18.18
C ARG B 135 13.05 4.96 -19.23
N ASP B 136 11.80 5.21 -19.60
CA ASP B 136 11.10 4.44 -20.63
C ASP B 136 10.55 5.41 -21.66
N THR B 137 11.25 5.51 -22.79
CA THR B 137 10.86 6.41 -23.89
C THR B 137 10.01 5.67 -24.90
N THR B 138 9.00 4.96 -24.38
CA THR B 138 8.04 4.18 -25.14
C THR B 138 6.81 5.04 -25.44
N ARG B 139 7.07 6.04 -26.25
CA ARG B 139 6.21 7.09 -26.74
C ARG B 139 6.98 8.43 -26.63
N ASN B 140 7.50 8.67 -25.43
CA ASN B 140 8.23 9.87 -25.09
C ASN B 140 7.67 11.09 -25.81
N ARG B 141 6.50 11.56 -25.34
CA ARG B 141 5.94 12.75 -25.97
C ARG B 141 6.48 13.98 -25.23
N ASN B 142 7.41 13.77 -24.31
CA ASN B 142 8.10 14.72 -23.48
C ASN B 142 7.31 16.01 -23.24
N ASP B 143 6.04 15.82 -22.86
CA ASP B 143 5.12 16.91 -22.62
C ASP B 143 5.29 17.39 -21.18
N TYR B 144 5.71 16.46 -20.31
CA TYR B 144 5.93 16.81 -18.92
C TYR B 144 7.31 17.42 -18.71
N SER B 145 7.33 18.73 -18.90
CA SER B 145 8.50 19.57 -18.69
C SER B 145 8.88 19.36 -17.21
N ASP B 146 8.50 20.31 -16.37
CA ASP B 146 8.79 20.11 -14.95
C ASP B 146 7.64 19.41 -14.26
N GLU B 147 7.87 19.04 -12.99
CA GLU B 147 6.84 18.43 -12.18
C GLU B 147 5.67 19.34 -11.88
N SER B 148 5.79 20.67 -12.07
CA SER B 148 4.63 21.53 -11.83
C SER B 148 3.55 21.24 -12.88
N VAL B 149 3.92 20.73 -14.05
CA VAL B 149 2.99 20.37 -15.11
C VAL B 149 2.23 19.07 -14.72
N ILE B 150 2.96 18.16 -14.10
CA ILE B 150 2.45 16.90 -13.64
C ILE B 150 1.41 17.14 -12.54
N LEU B 151 1.77 17.96 -11.59
CA LEU B 151 0.95 18.34 -10.46
C LEU B 151 -0.39 18.92 -10.92
N GLU B 152 -0.26 19.84 -11.87
CA GLU B 152 -1.41 20.53 -12.40
C GLU B 152 -2.34 19.58 -13.13
N THR B 153 -1.76 18.57 -13.76
CA THR B 153 -2.51 17.58 -14.56
C THR B 153 -3.20 16.65 -13.59
N ILE B 154 -2.48 16.30 -12.53
CA ILE B 154 -3.03 15.46 -11.49
C ILE B 154 -4.29 16.09 -10.89
N ASN B 155 -4.18 17.38 -10.63
CA ASN B 155 -5.24 18.14 -10.03
C ASN B 155 -6.46 18.28 -10.95
N PHE B 156 -6.23 18.62 -12.23
CA PHE B 156 -7.33 18.76 -13.15
C PHE B 156 -8.01 17.40 -13.35
N ALA B 157 -7.27 16.31 -13.24
CA ALA B 157 -7.85 14.98 -13.35
C ALA B 157 -8.78 14.77 -12.15
N ARG B 158 -8.32 15.19 -10.99
CA ARG B 158 -9.10 15.12 -9.77
C ARG B 158 -10.38 15.94 -9.82
N TYR B 159 -10.28 17.17 -10.36
CA TYR B 159 -11.45 17.99 -10.45
C TYR B 159 -12.45 17.37 -11.42
N ALA B 160 -11.97 16.98 -12.60
CA ALA B 160 -12.82 16.41 -13.66
C ALA B 160 -13.47 15.07 -13.30
N ALA B 161 -12.74 14.19 -12.65
CA ALA B 161 -13.22 12.88 -12.22
C ALA B 161 -14.30 13.08 -11.16
N THR B 162 -14.12 14.05 -10.24
CA THR B 162 -15.18 14.25 -9.24
C THR B 162 -16.43 14.83 -9.90
N ALA B 163 -16.22 15.74 -10.84
CA ALA B 163 -17.42 16.29 -11.55
C ALA B 163 -18.07 15.14 -12.29
N SER B 164 -17.37 14.27 -13.01
CA SER B 164 -18.01 13.08 -13.60
C SER B 164 -18.63 12.19 -12.53
N ALA B 165 -18.03 12.09 -11.34
CA ALA B 165 -18.63 11.22 -10.30
C ALA B 165 -19.95 11.78 -9.81
N VAL B 166 -20.04 13.10 -9.65
CA VAL B 166 -21.22 13.79 -9.19
C VAL B 166 -22.34 13.61 -10.22
N LEU B 167 -22.00 13.64 -11.48
CA LEU B 167 -23.00 13.41 -12.52
C LEU B 167 -23.56 12.01 -12.47
N ALA B 168 -22.72 10.98 -12.30
CA ALA B 168 -23.26 9.63 -12.32
C ALA B 168 -23.63 9.04 -10.97
N GLY B 169 -23.18 9.62 -9.87
CA GLY B 169 -23.50 8.96 -8.59
C GLY B 169 -22.49 7.85 -8.27
N SER B 170 -21.30 8.02 -8.75
CA SER B 170 -20.24 7.04 -8.60
C SER B 170 -19.23 7.46 -7.58
N THR B 171 -18.38 6.60 -7.01
CA THR B 171 -17.39 7.11 -6.05
C THR B 171 -16.13 7.53 -6.79
N VAL B 172 -15.23 8.31 -6.24
CA VAL B 172 -13.95 8.60 -6.87
C VAL B 172 -12.90 8.06 -5.83
N LYS B 173 -11.92 7.33 -6.26
CA LYS B 173 -10.93 6.71 -5.42
C LYS B 173 -9.53 7.05 -5.95
N VAL B 174 -8.70 7.54 -5.06
CA VAL B 174 -7.30 7.80 -5.37
C VAL B 174 -6.50 6.54 -5.02
N ILE B 175 -5.66 6.10 -5.94
CA ILE B 175 -4.86 4.88 -5.71
C ILE B 175 -3.42 5.29 -5.99
N VAL B 176 -2.54 5.09 -5.07
CA VAL B 176 -1.12 5.43 -5.20
C VAL B 176 -0.46 4.23 -5.92
N ASN B 177 0.30 4.48 -6.94
CA ASN B 177 1.02 3.39 -7.62
C ASN B 177 2.44 3.36 -7.05
N VAL B 178 2.75 2.34 -6.26
CA VAL B 178 4.07 2.20 -5.68
C VAL B 178 5.13 1.84 -6.71
N GLU B 179 6.19 2.66 -6.77
CA GLU B 179 7.29 2.45 -7.71
C GLU B 179 7.77 1.01 -7.76
N GLY B 180 8.20 0.50 -6.60
CA GLY B 180 8.66 -0.88 -6.58
C GLY B 180 7.65 -1.82 -7.26
N ASP B 181 6.62 -2.15 -6.53
CA ASP B 181 5.52 -3.04 -6.75
C ASP B 181 4.24 -2.44 -7.31
N PRO B 182 3.64 -3.04 -8.35
CA PRO B 182 2.39 -2.64 -8.98
C PRO B 182 1.20 -3.33 -8.35
N SER B 183 1.54 -4.31 -7.48
CA SER B 183 0.52 -5.11 -6.80
C SER B 183 -0.21 -4.35 -5.74
N ILE B 184 0.45 -3.30 -5.25
CA ILE B 184 -0.22 -2.51 -4.17
C ILE B 184 -1.47 -1.87 -4.76
N ALA B 185 -1.32 -1.12 -5.85
CA ALA B 185 -2.41 -0.51 -6.60
C ALA B 185 -3.42 -1.56 -7.05
N ALA B 186 -2.89 -2.64 -7.67
CA ALA B 186 -3.83 -3.68 -8.09
C ALA B 186 -4.67 -4.16 -6.95
N ASN B 187 -4.15 -4.45 -5.77
CA ASN B 187 -5.07 -4.92 -4.72
C ASN B 187 -6.00 -3.86 -4.21
N GLU B 188 -5.57 -2.60 -4.11
CA GLU B 188 -6.46 -1.53 -3.66
C GLU B 188 -7.64 -1.46 -4.63
N ILE B 189 -7.37 -1.54 -5.94
CA ILE B 189 -8.44 -1.52 -6.93
C ILE B 189 -9.38 -2.69 -6.72
N ILE B 190 -8.82 -3.89 -6.58
CA ILE B 190 -9.69 -5.04 -6.35
C ILE B 190 -10.47 -4.90 -5.08
N ARG B 191 -9.86 -4.39 -4.00
CA ARG B 191 -10.63 -4.20 -2.77
C ARG B 191 -11.83 -3.27 -2.98
N SER B 192 -11.63 -2.19 -3.73
CA SER B 192 -12.68 -1.25 -3.97
C SER B 192 -13.85 -1.77 -4.78
N MET B 193 -13.72 -2.80 -5.60
CA MET B 193 -14.86 -3.27 -6.37
C MET B 193 -15.78 -4.18 -5.61
N LYS B 194 -15.39 -4.59 -4.41
CA LYS B 194 -16.13 -5.50 -3.55
C LYS B 194 -17.39 -4.80 -3.00
N MET C 1 -20.62 30.09 -35.21
CA MET C 1 -19.51 30.77 -34.46
C MET C 1 -18.87 29.91 -33.39
N LYS C 2 -17.53 29.80 -33.43
CA LYS C 2 -16.79 29.00 -32.44
C LYS C 2 -16.64 29.81 -31.15
N ILE C 3 -17.34 29.42 -30.09
CA ILE C 3 -17.28 30.11 -28.81
C ILE C 3 -16.15 29.61 -27.92
N GLY C 4 -15.51 30.60 -27.31
CA GLY C 4 -14.41 30.45 -26.39
C GLY C 4 -14.78 31.33 -25.18
N ILE C 5 -14.77 30.77 -23.96
CA ILE C 5 -15.13 31.56 -22.79
C ILE C 5 -13.86 32.01 -22.09
N VAL C 6 -13.70 33.29 -21.87
CA VAL C 6 -12.52 33.78 -21.19
C VAL C 6 -12.87 34.25 -19.80
N THR C 7 -12.42 33.52 -18.80
CA THR C 7 -12.72 33.90 -17.42
C THR C 7 -11.40 34.32 -16.78
N GLY C 8 -11.44 34.94 -15.63
CA GLY C 8 -10.18 35.34 -14.97
C GLY C 8 -10.65 36.07 -13.72
N ILE C 9 -9.89 36.06 -12.66
CA ILE C 9 -10.43 36.80 -11.46
C ILE C 9 -10.13 38.26 -11.72
N PRO C 10 -10.85 39.18 -11.10
CA PRO C 10 -10.65 40.61 -11.35
C PRO C 10 -9.23 41.00 -11.06
N GLY C 11 -8.57 41.65 -12.03
CA GLY C 11 -7.18 42.04 -11.81
C GLY C 11 -6.19 41.18 -12.57
N VAL C 12 -6.64 40.22 -13.40
CA VAL C 12 -5.64 39.43 -14.12
C VAL C 12 -5.33 40.12 -15.45
N GLY C 13 -6.17 41.08 -15.83
CA GLY C 13 -5.89 41.81 -17.07
C GLY C 13 -6.66 41.17 -18.21
N LYS C 14 -7.84 40.74 -17.85
CA LYS C 14 -8.75 40.06 -18.79
C LYS C 14 -8.97 40.95 -19.98
N SER C 15 -9.27 42.25 -19.75
CA SER C 15 -9.55 43.27 -20.76
C SER C 15 -8.32 43.60 -21.60
N THR C 16 -7.22 43.91 -20.92
CA THR C 16 -5.94 44.14 -21.62
C THR C 16 -5.75 43.02 -22.64
N VAL C 17 -5.71 41.76 -22.14
CA VAL C 17 -5.56 40.59 -22.99
C VAL C 17 -6.67 40.48 -24.03
N LEU C 18 -7.91 40.79 -23.65
CA LEU C 18 -8.96 40.67 -24.67
C LEU C 18 -8.87 41.69 -25.78
N ALA C 19 -8.38 42.89 -25.49
CA ALA C 19 -8.22 43.93 -26.50
C ALA C 19 -7.20 43.44 -27.54
N LYS C 20 -6.07 42.92 -26.98
CA LYS C 20 -5.04 42.38 -27.84
C LYS C 20 -5.51 41.25 -28.72
N VAL C 21 -6.51 40.48 -28.33
CA VAL C 21 -7.03 39.39 -29.16
C VAL C 21 -7.82 39.92 -30.35
N LYS C 22 -8.54 41.01 -30.09
CA LYS C 22 -9.32 41.68 -31.13
C LYS C 22 -8.35 42.34 -32.12
N GLU C 23 -7.34 43.01 -31.60
CA GLU C 23 -6.29 43.62 -32.45
C GLU C 23 -5.73 42.58 -33.40
N ILE C 24 -5.10 41.55 -32.84
CA ILE C 24 -4.56 40.46 -33.64
C ILE C 24 -5.53 39.77 -34.56
N LEU C 25 -6.83 39.69 -34.27
CA LEU C 25 -7.71 38.96 -35.19
C LEU C 25 -8.27 39.91 -36.25
N ASP C 26 -8.35 41.18 -35.86
CA ASP C 26 -8.80 42.22 -36.78
C ASP C 26 -7.69 42.41 -37.82
N ASN C 27 -6.44 42.51 -37.36
CA ASN C 27 -5.29 42.67 -38.21
C ASN C 27 -5.03 41.52 -39.17
N GLN C 28 -5.62 40.33 -38.97
CA GLN C 28 -5.44 39.25 -39.92
C GLN C 28 -6.81 38.99 -40.60
N GLY C 29 -7.69 39.96 -40.44
CA GLY C 29 -9.03 40.00 -40.92
C GLY C 29 -9.97 38.90 -40.52
N ILE C 30 -9.88 38.28 -39.33
CA ILE C 30 -10.82 37.22 -38.93
C ILE C 30 -12.05 37.74 -38.20
N ASN C 31 -13.24 37.30 -38.61
CA ASN C 31 -14.46 37.80 -37.96
C ASN C 31 -14.50 37.38 -36.48
N ASN C 32 -14.57 38.38 -35.61
CA ASN C 32 -14.63 38.14 -34.19
C ASN C 32 -15.46 39.09 -33.36
N LYS C 33 -16.25 38.52 -32.45
CA LYS C 33 -17.04 39.39 -31.55
C LYS C 33 -16.54 39.16 -30.12
N ILE C 34 -16.54 40.16 -29.28
CA ILE C 34 -16.14 40.03 -27.89
C ILE C 34 -17.28 40.63 -27.03
N ILE C 35 -18.01 39.75 -26.35
CA ILE C 35 -19.11 40.10 -25.48
C ILE C 35 -18.79 40.04 -24.00
N ASN C 36 -19.18 41.06 -23.23
CA ASN C 36 -18.88 41.00 -21.80
C ASN C 36 -20.19 40.49 -21.17
N TYR C 37 -20.09 39.43 -20.34
CA TYR C 37 -21.27 38.76 -19.82
C TYR C 37 -22.08 39.67 -18.92
N GLY C 38 -21.41 40.31 -17.98
CA GLY C 38 -21.93 41.26 -17.05
C GLY C 38 -22.63 42.42 -17.77
N ASP C 39 -22.10 42.91 -18.90
CA ASP C 39 -22.81 43.99 -19.60
C ASP C 39 -24.22 43.48 -19.91
N PHE C 40 -24.40 42.23 -20.36
CA PHE C 40 -25.76 41.80 -20.69
C PHE C 40 -26.60 41.62 -19.41
N MET C 41 -25.93 41.24 -18.31
CA MET C 41 -26.64 41.11 -17.06
C MET C 41 -27.15 42.47 -16.63
N LEU C 42 -26.29 43.47 -16.57
CA LEU C 42 -26.67 44.83 -16.21
C LEU C 42 -27.82 45.33 -17.09
N ALA C 43 -27.83 45.17 -18.39
CA ALA C 43 -28.94 45.61 -19.21
C ALA C 43 -30.24 45.05 -18.65
N THR C 44 -30.38 43.72 -18.58
CA THR C 44 -31.60 43.13 -18.03
C THR C 44 -31.88 43.64 -16.62
N ALA C 45 -30.91 43.77 -15.75
CA ALA C 45 -31.14 44.24 -14.41
C ALA C 45 -31.74 45.64 -14.34
N LEU C 46 -31.17 46.58 -15.05
CA LEU C 46 -31.53 47.98 -15.18
C LEU C 46 -33.00 48.10 -15.60
N LYS C 47 -33.40 47.42 -16.69
CA LYS C 47 -34.77 47.40 -17.13
C LYS C 47 -35.74 46.75 -16.15
N LEU C 48 -35.37 45.99 -15.12
CA LEU C 48 -36.30 45.36 -14.21
C LEU C 48 -36.31 46.02 -12.83
N GLY C 49 -35.34 46.85 -12.54
CA GLY C 49 -35.24 47.54 -11.28
C GLY C 49 -34.42 46.86 -10.21
N TYR C 50 -33.68 45.81 -10.58
CA TYR C 50 -32.85 45.03 -9.65
C TYR C 50 -31.59 45.76 -9.25
N ALA C 51 -30.93 46.42 -10.23
CA ALA C 51 -29.67 47.09 -9.81
C ALA C 51 -29.32 48.23 -10.74
N LYS C 52 -28.50 49.15 -10.21
CA LYS C 52 -28.15 50.32 -11.02
C LYS C 52 -26.74 50.22 -11.57
N ASP C 53 -25.86 49.55 -10.84
CA ASP C 53 -24.47 49.44 -11.33
C ASP C 53 -24.01 48.00 -11.24
N ARG C 54 -22.99 47.68 -12.07
CA ARG C 54 -22.45 46.33 -12.11
C ARG C 54 -21.91 45.88 -10.78
N ASP C 55 -21.28 46.71 -9.98
CA ASP C 55 -20.76 46.31 -8.70
C ASP C 55 -21.77 46.07 -7.60
N GLU C 56 -23.04 46.01 -7.89
CA GLU C 56 -24.14 45.79 -6.96
C GLU C 56 -24.98 44.59 -7.30
N MET C 57 -24.72 44.06 -8.51
CA MET C 57 -25.47 42.94 -9.08
C MET C 57 -25.06 41.67 -8.32
N ARG C 58 -23.80 41.64 -7.91
CA ARG C 58 -23.24 40.51 -7.16
C ARG C 58 -23.70 40.53 -5.71
N LYS C 59 -24.38 41.58 -5.27
CA LYS C 59 -24.88 41.66 -3.89
C LYS C 59 -26.31 41.17 -3.83
N LEU C 60 -26.87 40.97 -5.02
CA LEU C 60 -28.23 40.52 -5.13
C LEU C 60 -28.45 39.10 -4.63
N SER C 61 -29.71 38.84 -4.29
CA SER C 61 -30.07 37.50 -3.83
C SER C 61 -29.70 36.55 -4.96
N VAL C 62 -29.30 35.34 -4.57
CA VAL C 62 -28.91 34.30 -5.50
C VAL C 62 -30.01 34.12 -6.55
N GLU C 63 -31.27 34.18 -6.20
CA GLU C 63 -32.37 33.99 -7.10
C GLU C 63 -32.44 35.08 -8.15
N LYS C 64 -32.11 36.34 -7.82
CA LYS C 64 -32.16 37.39 -8.87
C LYS C 64 -31.00 37.21 -9.83
N GLN C 65 -29.82 36.91 -9.25
CA GLN C 65 -28.64 36.68 -10.08
C GLN C 65 -28.90 35.51 -11.05
N LYS C 66 -29.59 34.47 -10.56
CA LYS C 66 -29.90 33.35 -11.42
C LYS C 66 -30.76 33.84 -12.57
N LYS C 67 -31.71 34.76 -12.33
CA LYS C 67 -32.56 35.25 -13.40
C LYS C 67 -31.77 36.01 -14.47
N LEU C 68 -30.96 36.95 -14.03
CA LEU C 68 -30.11 37.70 -14.91
C LEU C 68 -29.21 36.76 -15.72
N GLN C 69 -28.61 35.78 -15.04
CA GLN C 69 -27.74 34.80 -15.71
C GLN C 69 -28.43 34.09 -16.86
N ILE C 70 -29.66 33.61 -16.68
CA ILE C 70 -30.38 32.94 -17.76
C ILE C 70 -30.71 33.91 -18.88
N ASP C 71 -31.10 35.14 -18.53
CA ASP C 71 -31.45 36.10 -19.57
C ASP C 71 -30.26 36.44 -20.45
N ALA C 72 -29.15 36.77 -19.80
CA ALA C 72 -27.90 37.11 -20.46
C ALA C 72 -27.42 35.96 -21.33
N ALA C 73 -27.51 34.74 -20.78
CA ALA C 73 -27.09 33.59 -21.57
C ALA C 73 -27.98 33.47 -22.79
N LYS C 74 -29.31 33.59 -22.68
CA LYS C 74 -30.15 33.52 -23.88
C LYS C 74 -29.82 34.60 -24.90
N GLY C 75 -29.46 35.79 -24.44
CA GLY C 75 -29.08 36.88 -25.30
C GLY C 75 -27.82 36.56 -26.08
N ILE C 76 -26.71 36.31 -25.35
CA ILE C 76 -25.46 35.92 -25.98
C ILE C 76 -25.62 34.73 -26.90
N ALA C 77 -26.47 33.77 -26.58
CA ALA C 77 -26.70 32.63 -27.48
C ALA C 77 -27.23 33.13 -28.84
N GLU C 78 -28.13 34.10 -28.82
CA GLU C 78 -28.72 34.69 -30.03
C GLU C 78 -27.69 35.44 -30.87
N GLU C 79 -26.86 36.25 -30.22
CA GLU C 79 -25.81 36.96 -30.93
C GLU C 79 -24.83 36.00 -31.59
N ALA C 80 -24.62 34.80 -31.03
CA ALA C 80 -23.70 33.81 -31.58
C ALA C 80 -24.27 33.15 -32.82
N ARG C 81 -25.59 33.00 -32.87
CA ARG C 81 -26.25 32.39 -34.02
C ARG C 81 -26.23 33.31 -35.23
N ALA C 82 -26.34 34.61 -34.98
CA ALA C 82 -26.31 35.64 -36.01
C ALA C 82 -24.89 36.13 -36.27
N GLY C 83 -23.90 35.25 -36.12
CA GLY C 83 -22.52 35.63 -36.34
C GLY C 83 -21.94 34.90 -37.54
N GLY C 84 -22.64 33.82 -37.90
CA GLY C 84 -22.26 33.01 -39.03
C GLY C 84 -20.95 32.26 -38.92
N GLU C 85 -19.81 32.93 -39.09
CA GLU C 85 -18.53 32.24 -39.01
C GLU C 85 -17.46 33.10 -38.35
N GLY C 86 -16.58 32.48 -37.58
CA GLY C 86 -15.56 33.21 -36.85
C GLY C 86 -15.67 32.94 -35.35
N TYR C 87 -14.79 33.55 -34.58
CA TYR C 87 -14.61 33.42 -33.17
C TYR C 87 -15.31 34.41 -32.28
N LEU C 88 -16.10 33.87 -31.33
CA LEU C 88 -16.82 34.67 -30.33
C LEU C 88 -16.21 34.42 -28.94
N PHE C 89 -15.71 35.42 -28.26
CA PHE C 89 -15.13 35.38 -26.96
C PHE C 89 -16.11 35.99 -25.94
N ILE C 90 -16.46 35.20 -24.91
CA ILE C 90 -17.34 35.68 -23.85
C ILE C 90 -16.46 36.05 -22.67
N ASP C 91 -16.46 37.33 -22.33
CA ASP C 91 -15.64 37.85 -21.23
C ASP C 91 -16.50 37.72 -19.95
N THR C 92 -15.96 36.82 -19.10
CA THR C 92 -16.70 36.56 -17.88
C THR C 92 -15.89 35.96 -16.79
N HIS C 93 -16.60 35.34 -15.83
CA HIS C 93 -16.02 34.73 -14.67
C HIS C 93 -16.41 33.26 -14.50
N ALA C 94 -15.54 32.54 -13.83
CA ALA C 94 -15.67 31.11 -13.58
C ALA C 94 -16.50 31.00 -12.31
N VAL C 95 -16.15 31.89 -11.37
CA VAL C 95 -16.92 32.03 -10.16
C VAL C 95 -17.07 33.51 -9.81
N ILE C 96 -18.17 33.87 -9.19
CA ILE C 96 -18.40 35.24 -8.72
C ILE C 96 -18.45 35.27 -7.19
N ARG C 97 -17.59 36.07 -6.54
CA ARG C 97 -17.62 36.17 -5.09
C ARG C 97 -18.91 36.91 -4.70
N THR C 98 -19.81 36.31 -3.90
CA THR C 98 -21.03 37.00 -3.50
C THR C 98 -21.16 36.86 -1.99
N PRO C 99 -22.03 37.64 -1.37
CA PRO C 99 -22.27 37.56 0.07
C PRO C 99 -22.75 36.16 0.45
N SER C 100 -23.41 35.48 -0.50
CA SER C 100 -23.87 34.12 -0.29
C SER C 100 -22.83 33.04 -0.62
N GLY C 101 -21.60 33.38 -0.97
CA GLY C 101 -20.58 32.41 -1.32
C GLY C 101 -20.20 32.51 -2.79
N TYR C 102 -19.45 31.56 -3.34
CA TYR C 102 -19.05 31.59 -4.75
C TYR C 102 -20.21 31.15 -5.63
N LEU C 103 -20.54 31.97 -6.61
CA LEU C 103 -21.59 31.63 -7.55
C LEU C 103 -20.91 31.21 -8.85
N PRO C 104 -21.25 30.03 -9.34
CA PRO C 104 -20.63 29.50 -10.53
C PRO C 104 -21.08 30.39 -11.68
N GLY C 105 -20.09 30.76 -12.50
CA GLY C 105 -20.41 31.58 -13.67
C GLY C 105 -20.98 30.78 -14.78
N LEU C 106 -20.75 29.46 -14.86
CA LEU C 106 -21.27 28.68 -16.00
C LEU C 106 -22.02 27.48 -15.53
N PRO C 107 -23.15 27.69 -14.85
CA PRO C 107 -23.96 26.58 -14.36
C PRO C 107 -24.55 25.85 -15.55
N SER C 108 -25.17 24.73 -15.29
CA SER C 108 -25.71 23.92 -16.37
C SER C 108 -26.64 24.71 -17.28
N TYR C 109 -27.56 25.50 -16.74
CA TYR C 109 -28.50 26.20 -17.57
C TYR C 109 -27.85 27.31 -18.40
N VAL C 110 -26.62 27.70 -18.15
CA VAL C 110 -25.90 28.66 -18.99
C VAL C 110 -25.09 27.91 -20.06
N ILE C 111 -24.38 26.86 -19.66
CA ILE C 111 -23.59 25.98 -20.50
C ILE C 111 -24.43 25.37 -21.61
N THR C 112 -25.69 25.05 -21.38
CA THR C 112 -26.55 24.45 -22.37
C THR C 112 -26.96 25.46 -23.44
N GLU C 113 -27.05 26.75 -23.11
CA GLU C 113 -27.40 27.74 -24.09
C GLU C 113 -26.19 28.07 -25.01
N ILE C 114 -24.98 28.05 -24.47
CA ILE C 114 -23.78 28.43 -25.18
C ILE C 114 -22.96 27.33 -25.77
N ASN C 115 -22.61 26.33 -24.96
CA ASN C 115 -21.85 25.21 -25.50
C ASN C 115 -20.55 25.66 -26.11
N PRO C 116 -19.66 26.16 -25.24
CA PRO C 116 -18.34 26.60 -25.61
C PRO C 116 -17.51 25.42 -26.10
N SER C 117 -16.37 25.75 -26.68
CA SER C 117 -15.47 24.75 -27.22
C SER C 117 -14.32 24.64 -26.23
N VAL C 118 -13.91 25.82 -25.79
CA VAL C 118 -12.87 26.04 -24.84
C VAL C 118 -13.29 27.03 -23.73
N ILE C 119 -12.84 26.72 -22.52
CA ILE C 119 -13.04 27.55 -21.37
C ILE C 119 -11.65 27.94 -20.86
N PHE C 120 -11.29 29.21 -20.87
CA PHE C 120 -10.02 29.67 -20.43
C PHE C 120 -9.99 30.21 -19.00
N LEU C 121 -8.92 29.83 -18.30
CA LEU C 121 -8.71 30.36 -16.97
C LEU C 121 -7.50 31.30 -17.07
N LEU C 122 -7.67 32.60 -17.05
CA LEU C 122 -6.58 33.56 -17.08
C LEU C 122 -5.98 33.61 -15.67
N GLU C 123 -4.68 33.39 -15.50
CA GLU C 123 -4.14 33.39 -14.13
C GLU C 123 -2.90 34.29 -14.03
N ALA C 124 -2.48 34.48 -12.78
CA ALA C 124 -1.30 35.35 -12.57
C ALA C 124 -0.85 35.06 -11.14
N ASP C 125 0.39 35.38 -10.81
CA ASP C 125 0.87 35.12 -9.43
C ASP C 125 -0.01 35.96 -8.52
N PRO C 126 -0.44 35.45 -7.38
CA PRO C 126 -1.29 36.24 -6.49
C PRO C 126 -0.69 37.58 -6.13
N LYS C 127 0.63 37.67 -5.87
CA LYS C 127 1.22 38.97 -5.48
C LYS C 127 0.91 39.99 -6.56
N ILE C 128 1.18 39.67 -7.81
CA ILE C 128 0.89 40.50 -8.97
C ILE C 128 -0.57 40.91 -9.07
N ILE C 129 -1.54 40.10 -8.68
CA ILE C 129 -2.97 40.40 -8.74
C ILE C 129 -3.37 41.34 -7.60
N LEU C 130 -2.77 41.16 -6.42
CA LEU C 130 -3.06 41.99 -5.25
C LEU C 130 -2.75 43.45 -5.60
N SER C 131 -1.58 43.67 -6.20
CA SER C 131 -1.19 45.02 -6.61
C SER C 131 -2.23 45.56 -7.57
N ARG C 132 -2.40 45.01 -8.76
CA ARG C 132 -3.36 45.46 -9.74
C ARG C 132 -4.72 45.89 -9.20
N GLN C 133 -5.23 45.37 -8.12
CA GLN C 133 -6.51 45.71 -7.54
C GLN C 133 -6.53 47.05 -6.80
N LYS C 134 -5.40 47.48 -6.26
CA LYS C 134 -5.30 48.74 -5.55
C LYS C 134 -5.11 49.91 -6.51
N ARG C 135 -4.64 49.61 -7.73
CA ARG C 135 -4.41 50.57 -8.78
C ARG C 135 -5.65 50.90 -9.61
N ASP C 136 -6.76 50.25 -9.30
CA ASP C 136 -8.03 50.40 -10.00
C ASP C 136 -9.12 50.84 -9.02
N THR C 137 -9.70 52.01 -9.22
CA THR C 137 -10.76 52.53 -8.36
C THR C 137 -12.04 52.81 -9.14
N THR C 138 -12.11 52.25 -10.36
CA THR C 138 -13.28 52.38 -11.22
C THR C 138 -14.16 51.12 -11.01
N ARG C 139 -13.64 50.25 -10.16
CA ARG C 139 -14.17 48.99 -9.74
C ARG C 139 -14.26 48.95 -8.20
N ASN C 140 -13.11 48.80 -7.58
CA ASN C 140 -12.89 48.69 -6.15
C ASN C 140 -12.76 47.22 -5.78
N ARG C 141 -13.27 46.76 -4.66
CA ARG C 141 -13.21 45.38 -4.20
C ARG C 141 -12.47 45.21 -2.88
N ASN C 142 -13.15 45.46 -1.76
CA ASN C 142 -12.57 45.31 -0.44
C ASN C 142 -12.50 43.85 0.03
N ASP C 143 -13.12 42.92 -0.68
CA ASP C 143 -13.11 41.52 -0.31
C ASP C 143 -11.76 40.86 -0.59
N TYR C 144 -10.93 41.38 -1.50
CA TYR C 144 -9.62 40.82 -1.75
C TYR C 144 -8.59 41.46 -0.82
N SER C 145 -8.73 41.11 0.45
CA SER C 145 -7.91 41.59 1.55
C SER C 145 -6.48 41.08 1.43
N ASP C 146 -6.29 39.75 1.55
CA ASP C 146 -4.94 39.20 1.46
C ASP C 146 -4.79 38.22 0.30
N GLU C 147 -3.60 37.64 0.18
CA GLU C 147 -3.27 36.68 -0.88
C GLU C 147 -4.00 35.37 -0.70
N SER C 148 -4.49 35.08 0.50
CA SER C 148 -5.21 33.87 0.82
C SER C 148 -6.59 33.82 0.13
N VAL C 149 -7.18 34.99 0.00
CA VAL C 149 -8.50 35.08 -0.64
C VAL C 149 -8.35 34.95 -2.13
N ILE C 150 -7.21 35.37 -2.69
CA ILE C 150 -7.05 35.24 -4.14
C ILE C 150 -6.75 33.80 -4.51
N LEU C 151 -5.95 33.10 -3.72
CA LEU C 151 -5.62 31.69 -3.98
C LEU C 151 -6.93 30.86 -3.99
N GLU C 152 -7.67 31.01 -2.88
CA GLU C 152 -8.92 30.29 -2.73
C GLU C 152 -9.85 30.58 -3.89
N THR C 153 -9.96 31.81 -4.38
CA THR C 153 -10.82 32.13 -5.53
C THR C 153 -10.24 31.54 -6.81
N ILE C 154 -8.93 31.54 -7.03
CA ILE C 154 -8.35 30.88 -8.22
C ILE C 154 -8.72 29.37 -8.21
N ASN C 155 -8.67 28.74 -7.04
CA ASN C 155 -9.03 27.34 -6.90
C ASN C 155 -10.50 27.09 -7.21
N PHE C 156 -11.42 27.87 -6.60
CA PHE C 156 -12.84 27.63 -6.90
C PHE C 156 -13.10 27.85 -8.37
N ALA C 157 -12.41 28.81 -8.96
CA ALA C 157 -12.53 29.02 -10.41
C ALA C 157 -12.12 27.74 -11.15
N ARG C 158 -11.00 27.14 -10.73
CA ARG C 158 -10.57 25.89 -11.39
C ARG C 158 -11.60 24.79 -11.22
N TYR C 159 -12.09 24.63 -9.95
CA TYR C 159 -13.04 23.56 -9.73
C TYR C 159 -14.28 23.79 -10.57
N ALA C 160 -14.77 25.03 -10.49
CA ALA C 160 -16.03 25.33 -11.19
C ALA C 160 -15.92 25.22 -12.69
N ALA C 161 -14.80 25.71 -13.23
CA ALA C 161 -14.65 25.70 -14.70
C ALA C 161 -14.54 24.26 -15.14
N THR C 162 -13.77 23.46 -14.40
CA THR C 162 -13.69 22.04 -14.86
C THR C 162 -15.04 21.36 -14.75
N ALA C 163 -15.84 21.63 -13.72
CA ALA C 163 -17.16 20.98 -13.66
C ALA C 163 -17.96 21.40 -14.88
N SER C 164 -17.87 22.69 -15.22
CA SER C 164 -18.61 23.19 -16.39
C SER C 164 -18.07 22.53 -17.66
N ALA C 165 -16.76 22.37 -17.77
CA ALA C 165 -16.15 21.74 -18.93
C ALA C 165 -16.63 20.31 -19.12
N VAL C 166 -16.76 19.61 -17.99
CA VAL C 166 -17.21 18.23 -18.01
C VAL C 166 -18.66 18.15 -18.42
N LEU C 167 -19.47 19.14 -18.14
CA LEU C 167 -20.88 19.09 -18.53
C LEU C 167 -20.95 19.38 -20.05
N ALA C 168 -20.18 20.38 -20.48
CA ALA C 168 -20.22 20.78 -21.87
C ALA C 168 -19.48 19.86 -22.84
N GLY C 169 -18.40 19.24 -22.39
CA GLY C 169 -17.60 18.44 -23.35
C GLY C 169 -16.51 19.37 -23.90
N SER C 170 -16.29 20.49 -23.29
CA SER C 170 -15.33 21.47 -23.74
C SER C 170 -14.00 21.31 -23.06
N THR C 171 -12.91 21.93 -23.50
CA THR C 171 -11.63 21.76 -22.84
C THR C 171 -11.47 22.92 -21.84
N VAL C 172 -10.48 22.89 -20.97
CA VAL C 172 -10.28 24.00 -20.01
C VAL C 172 -8.80 24.32 -20.23
N LYS C 173 -8.40 25.53 -20.48
CA LYS C 173 -7.00 25.91 -20.70
C LYS C 173 -6.61 26.95 -19.66
N VAL C 174 -5.53 26.72 -18.94
CA VAL C 174 -5.03 27.67 -17.97
C VAL C 174 -4.01 28.55 -18.75
N ILE C 175 -4.20 29.86 -18.75
CA ILE C 175 -3.24 30.71 -19.47
C ILE C 175 -2.60 31.68 -18.49
N VAL C 176 -1.26 31.73 -18.49
CA VAL C 176 -0.65 32.70 -17.58
C VAL C 176 -0.48 34.02 -18.33
N ASN C 177 -0.95 35.10 -17.75
CA ASN C 177 -0.84 36.42 -18.42
C ASN C 177 0.51 36.97 -17.97
N VAL C 178 1.46 36.96 -18.90
CA VAL C 178 2.80 37.42 -18.48
C VAL C 178 2.76 38.93 -18.23
N GLU C 179 3.20 39.23 -17.00
CA GLU C 179 3.28 40.61 -16.53
C GLU C 179 3.95 41.43 -17.62
N GLY C 180 3.27 42.49 -18.09
CA GLY C 180 3.80 43.31 -19.14
C GLY C 180 3.75 42.79 -20.55
N ASP C 181 3.04 41.70 -20.90
CA ASP C 181 3.01 41.29 -22.29
C ASP C 181 1.80 40.49 -22.71
N PRO C 182 0.67 41.19 -22.84
CA PRO C 182 -0.60 40.67 -23.25
C PRO C 182 -0.60 39.84 -24.51
N SER C 183 0.35 40.02 -25.42
CA SER C 183 0.33 39.23 -26.66
C SER C 183 0.63 37.76 -26.41
N ILE C 184 1.37 37.42 -25.34
CA ILE C 184 1.60 35.99 -25.09
C ILE C 184 0.24 35.28 -24.88
N ALA C 185 -0.50 35.73 -23.85
CA ALA C 185 -1.80 35.18 -23.55
C ALA C 185 -2.76 35.24 -24.72
N ALA C 186 -2.76 36.36 -25.44
CA ALA C 186 -3.66 36.52 -26.58
C ALA C 186 -3.40 35.50 -27.65
N ASN C 187 -2.12 35.21 -27.90
CA ASN C 187 -1.74 34.18 -28.89
C ASN C 187 -2.06 32.77 -28.41
N GLU C 188 -1.82 32.46 -27.12
CA GLU C 188 -2.22 31.13 -26.62
C GLU C 188 -3.74 30.99 -26.81
N ILE C 189 -4.46 32.09 -26.45
CA ILE C 189 -5.91 32.06 -26.66
C ILE C 189 -6.26 31.84 -28.12
N ILE C 190 -5.65 32.54 -29.08
CA ILE C 190 -5.95 32.29 -30.49
C ILE C 190 -5.56 30.90 -30.96
N ARG C 191 -4.38 30.39 -30.60
CA ARG C 191 -3.97 29.04 -31.04
C ARG C 191 -4.99 28.00 -30.54
N SER C 192 -5.36 28.10 -29.26
CA SER C 192 -6.31 27.18 -28.66
C SER C 192 -7.64 27.16 -29.36
N MET C 193 -8.04 28.22 -30.07
CA MET C 193 -9.32 28.18 -30.77
C MET C 193 -9.28 27.38 -32.06
N LYS C 194 -8.13 27.24 -32.72
CA LYS C 194 -8.05 26.48 -33.97
C LYS C 194 -8.55 25.04 -33.84
N MET D 1 8.02 -44.65 17.08
CA MET D 1 7.75 -44.42 15.60
C MET D 1 8.69 -43.38 14.99
N LYS D 2 9.05 -43.57 13.72
CA LYS D 2 9.88 -42.56 13.05
C LYS D 2 8.93 -41.46 12.54
N ILE D 3 9.23 -40.21 12.86
CA ILE D 3 8.46 -39.06 12.49
C ILE D 3 9.06 -38.21 11.38
N GLY D 4 8.23 -38.02 10.36
CA GLY D 4 8.56 -37.25 9.20
C GLY D 4 7.51 -36.16 9.08
N ILE D 5 7.88 -34.88 9.06
CA ILE D 5 6.91 -33.81 8.91
C ILE D 5 6.84 -33.42 7.44
N VAL D 6 5.63 -33.52 6.87
CA VAL D 6 5.49 -33.15 5.47
C VAL D 6 4.87 -31.75 5.40
N THR D 7 5.54 -30.80 4.79
CA THR D 7 5.00 -29.46 4.71
C THR D 7 4.96 -29.03 3.23
N GLY D 8 4.22 -27.98 2.99
CA GLY D 8 4.14 -27.42 1.64
C GLY D 8 3.04 -26.33 1.67
N ILE D 9 3.18 -25.37 0.78
CA ILE D 9 2.14 -24.34 0.73
C ILE D 9 0.93 -24.88 0.01
N PRO D 10 -0.26 -24.39 0.33
CA PRO D 10 -1.52 -24.81 -0.27
C PRO D 10 -1.46 -24.91 -1.78
N GLY D 11 -1.99 -25.98 -2.34
CA GLY D 11 -1.95 -26.25 -3.75
C GLY D 11 -0.68 -26.94 -4.22
N VAL D 12 0.18 -27.50 -3.35
CA VAL D 12 1.36 -28.18 -3.86
C VAL D 12 1.05 -29.67 -4.11
N GLY D 13 0.05 -30.23 -3.48
CA GLY D 13 -0.29 -31.64 -3.71
C GLY D 13 -0.08 -32.50 -2.48
N LYS D 14 0.09 -31.88 -1.34
CA LYS D 14 0.33 -32.54 -0.06
C LYS D 14 -0.58 -33.72 0.19
N SER D 15 -1.89 -33.63 -0.02
CA SER D 15 -2.78 -34.77 0.20
C SER D 15 -2.61 -35.80 -0.91
N THR D 16 -2.46 -35.39 -2.17
CA THR D 16 -2.25 -36.37 -3.22
C THR D 16 -0.98 -37.16 -2.93
N VAL D 17 0.11 -36.43 -2.68
CA VAL D 17 1.39 -37.09 -2.42
C VAL D 17 1.33 -37.98 -1.21
N LEU D 18 0.67 -37.58 -0.13
CA LEU D 18 0.59 -38.39 1.06
C LEU D 18 -0.31 -39.61 0.86
N ALA D 19 -1.32 -39.47 0.00
CA ALA D 19 -2.22 -40.57 -0.28
C ALA D 19 -1.37 -41.70 -0.87
N LYS D 20 -0.50 -41.34 -1.83
CA LYS D 20 0.37 -42.30 -2.44
C LYS D 20 1.36 -42.88 -1.44
N VAL D 21 1.79 -42.06 -0.47
CA VAL D 21 2.74 -42.57 0.53
C VAL D 21 2.06 -43.72 1.26
N LYS D 22 0.81 -43.54 1.69
CA LYS D 22 0.04 -44.53 2.39
C LYS D 22 -0.14 -45.81 1.55
N GLU D 23 -0.61 -45.61 0.34
CA GLU D 23 -0.83 -46.68 -0.61
C GLU D 23 0.47 -47.47 -0.68
N ILE D 24 1.53 -46.87 -1.19
CA ILE D 24 2.80 -47.56 -1.29
C ILE D 24 3.17 -48.25 0.03
N LEU D 25 3.14 -47.56 1.16
CA LEU D 25 3.51 -48.24 2.39
C LEU D 25 2.57 -49.36 2.75
N ASP D 26 1.26 -49.20 2.65
CA ASP D 26 0.33 -50.29 3.02
C ASP D 26 0.57 -51.56 2.22
N ASN D 27 0.67 -51.45 0.89
CA ASN D 27 0.97 -52.49 -0.05
C ASN D 27 2.45 -52.92 0.01
N GLN D 28 3.15 -52.76 1.09
CA GLN D 28 4.53 -53.15 1.29
C GLN D 28 4.51 -53.61 2.77
N GLY D 29 3.29 -53.55 3.30
CA GLY D 29 2.96 -53.92 4.64
C GLY D 29 3.69 -53.24 5.75
N ILE D 30 3.97 -51.92 5.59
CA ILE D 30 4.67 -51.20 6.66
C ILE D 30 3.65 -50.37 7.45
N ASN D 31 3.82 -50.38 8.77
CA ASN D 31 2.95 -49.64 9.67
C ASN D 31 3.15 -48.13 9.46
N ASN D 32 2.04 -47.40 9.27
CA ASN D 32 2.12 -45.99 9.06
C ASN D 32 0.86 -45.24 9.35
N LYS D 33 0.99 -44.21 10.17
CA LYS D 33 -0.16 -43.33 10.49
C LYS D 33 0.04 -42.02 9.77
N ILE D 34 -0.97 -41.36 9.25
CA ILE D 34 -0.86 -40.05 8.61
C ILE D 34 -1.82 -39.11 9.36
N ILE D 35 -1.28 -38.10 10.01
CA ILE D 35 -2.02 -37.16 10.78
C ILE D 35 -1.93 -35.73 10.22
N ASN D 36 -3.10 -35.07 10.17
CA ASN D 36 -3.12 -33.69 9.69
C ASN D 36 -3.05 -32.76 10.90
N TYR D 37 -2.03 -31.89 10.98
CA TYR D 37 -1.86 -31.00 12.12
C TYR D 37 -3.07 -30.09 12.32
N GLY D 38 -3.53 -29.47 11.23
CA GLY D 38 -4.69 -28.63 11.23
C GLY D 38 -5.95 -29.29 11.84
N ASP D 39 -6.19 -30.57 11.53
CA ASP D 39 -7.31 -31.27 12.11
C ASP D 39 -7.20 -31.27 13.63
N PHE D 40 -6.00 -31.49 14.19
CA PHE D 40 -5.92 -31.50 15.66
C PHE D 40 -6.14 -30.15 16.29
N MET D 41 -5.80 -29.10 15.56
CA MET D 41 -5.96 -27.73 16.04
C MET D 41 -7.45 -27.37 16.05
N LEU D 42 -8.15 -27.70 14.98
CA LEU D 42 -9.57 -27.47 14.80
C LEU D 42 -10.36 -28.20 15.90
N ALA D 43 -9.96 -29.42 16.17
CA ALA D 43 -10.58 -30.16 17.25
C ALA D 43 -10.51 -29.32 18.52
N THR D 44 -9.40 -28.77 18.96
CA THR D 44 -9.40 -27.96 20.19
C THR D 44 -10.15 -26.66 20.02
N ALA D 45 -10.13 -26.09 18.81
CA ALA D 45 -10.82 -24.85 18.57
C ALA D 45 -12.33 -25.00 18.71
N LEU D 46 -12.88 -26.11 18.28
CA LEU D 46 -14.32 -26.40 18.33
C LEU D 46 -14.76 -26.50 19.79
N LYS D 47 -14.00 -27.26 20.56
CA LYS D 47 -14.28 -27.40 21.98
C LYS D 47 -14.24 -26.07 22.69
N LEU D 48 -13.26 -25.20 22.45
CA LEU D 48 -13.12 -23.92 23.13
C LEU D 48 -13.91 -22.76 22.55
N GLY D 49 -14.59 -22.93 21.42
CA GLY D 49 -15.37 -21.91 20.78
C GLY D 49 -14.57 -20.90 19.98
N TYR D 50 -13.24 -21.04 19.93
CA TYR D 50 -12.35 -20.18 19.19
C TYR D 50 -12.66 -20.10 17.70
N ALA D 51 -13.13 -21.14 17.06
CA ALA D 51 -13.42 -21.07 15.63
C ALA D 51 -14.26 -22.30 15.25
N LYS D 52 -14.96 -22.17 14.14
CA LYS D 52 -15.86 -23.24 13.72
C LYS D 52 -15.33 -23.92 12.48
N ASP D 53 -14.56 -23.28 11.61
CA ASP D 53 -14.02 -24.02 10.47
C ASP D 53 -12.51 -23.74 10.31
N ARG D 54 -11.82 -24.65 9.59
CA ARG D 54 -10.39 -24.58 9.42
C ARG D 54 -9.92 -23.28 8.83
N ASP D 55 -10.51 -22.73 7.79
CA ASP D 55 -10.08 -21.47 7.19
C ASP D 55 -10.17 -20.24 8.07
N GLU D 56 -10.85 -20.31 9.17
CA GLU D 56 -11.07 -19.24 10.11
C GLU D 56 -9.97 -19.21 11.15
N MET D 57 -9.25 -20.31 11.32
CA MET D 57 -8.19 -20.43 12.33
C MET D 57 -6.97 -19.57 12.08
N ARG D 58 -6.56 -19.37 10.83
CA ARG D 58 -5.43 -18.55 10.51
C ARG D 58 -5.70 -17.06 10.65
N LYS D 59 -6.94 -16.64 10.89
CA LYS D 59 -7.28 -15.24 11.05
C LYS D 59 -7.42 -14.90 12.52
N LEU D 60 -7.29 -15.90 13.38
CA LEU D 60 -7.33 -15.67 14.80
C LEU D 60 -6.11 -14.88 15.22
N SER D 61 -6.14 -14.41 16.48
CA SER D 61 -4.95 -13.70 16.95
C SER D 61 -3.81 -14.71 17.13
N VAL D 62 -2.60 -14.17 17.08
CA VAL D 62 -1.39 -14.94 17.27
C VAL D 62 -1.43 -15.66 18.60
N GLU D 63 -1.86 -15.09 19.71
CA GLU D 63 -1.90 -15.78 20.99
C GLU D 63 -2.89 -16.96 20.92
N LYS D 64 -4.02 -16.81 20.23
CA LYS D 64 -4.97 -17.91 20.10
C LYS D 64 -4.37 -19.05 19.30
N GLN D 65 -3.77 -18.74 18.13
CA GLN D 65 -3.11 -19.75 17.32
C GLN D 65 -2.00 -20.46 18.07
N LYS D 66 -1.23 -19.81 18.96
CA LYS D 66 -0.22 -20.56 19.68
C LYS D 66 -0.81 -21.59 20.64
N LYS D 67 -1.94 -21.29 21.27
CA LYS D 67 -2.62 -22.19 22.22
C LYS D 67 -3.01 -23.47 21.49
N LEU D 68 -3.63 -23.28 20.32
CA LEU D 68 -4.04 -24.33 19.43
C LEU D 68 -2.82 -25.13 19.01
N GLN D 69 -1.72 -24.46 18.64
CA GLN D 69 -0.51 -25.18 18.25
C GLN D 69 0.07 -26.08 19.32
N ILE D 70 0.20 -25.60 20.55
CA ILE D 70 0.80 -26.45 21.57
C ILE D 70 -0.08 -27.64 21.89
N ASP D 71 -1.39 -27.33 21.92
CA ASP D 71 -2.37 -28.36 22.24
C ASP D 71 -2.29 -29.53 21.30
N ALA D 72 -2.29 -29.23 20.01
CA ALA D 72 -2.22 -30.23 18.98
C ALA D 72 -0.91 -30.99 18.98
N ALA D 73 0.16 -30.29 19.37
CA ALA D 73 1.47 -30.96 19.35
C ALA D 73 1.45 -31.97 20.48
N LYS D 74 0.98 -31.55 21.67
CA LYS D 74 0.90 -32.47 22.83
C LYS D 74 0.12 -33.72 22.41
N GLY D 75 -1.01 -33.49 21.77
CA GLY D 75 -1.88 -34.49 21.24
C GLY D 75 -1.26 -35.40 20.21
N ILE D 76 -0.43 -34.93 19.30
CA ILE D 76 0.16 -35.77 18.26
C ILE D 76 1.35 -36.56 18.76
N ALA D 77 2.00 -36.09 19.80
CA ALA D 77 3.15 -36.75 20.42
C ALA D 77 2.70 -38.07 21.09
N GLU D 78 1.53 -37.97 21.72
CA GLU D 78 0.80 -39.00 22.40
C GLU D 78 0.49 -40.16 21.44
N GLU D 79 0.10 -39.74 20.23
CA GLU D 79 -0.20 -40.70 19.18
C GLU D 79 1.05 -41.34 18.60
N ALA D 80 2.22 -40.72 18.75
CA ALA D 80 3.45 -41.28 18.21
C ALA D 80 4.02 -42.35 19.15
N ARG D 81 3.88 -42.12 20.45
CA ARG D 81 4.32 -43.01 21.51
C ARG D 81 3.50 -44.31 21.49
N ALA D 82 2.20 -44.14 21.26
CA ALA D 82 1.24 -45.22 21.21
C ALA D 82 1.03 -45.70 19.78
N GLY D 83 2.09 -46.07 19.09
CA GLY D 83 1.98 -46.54 17.71
C GLY D 83 3.04 -47.58 17.36
N GLY D 84 4.00 -47.76 18.25
CA GLY D 84 5.06 -48.72 18.12
C GLY D 84 6.06 -48.47 17.02
N GLU D 85 6.16 -49.43 16.10
CA GLU D 85 7.10 -49.32 15.00
C GLU D 85 6.38 -48.77 13.78
N GLY D 86 7.13 -48.30 12.81
CA GLY D 86 6.65 -47.74 11.59
C GLY D 86 6.96 -46.23 11.49
N TYR D 87 6.30 -45.64 10.50
CA TYR D 87 6.40 -44.26 10.13
C TYR D 87 5.16 -43.44 10.48
N LEU D 88 5.35 -42.31 11.13
CA LEU D 88 4.31 -41.34 11.45
C LEU D 88 4.60 -40.08 10.60
N PHE D 89 3.81 -39.81 9.58
CA PHE D 89 3.93 -38.62 8.77
C PHE D 89 3.01 -37.51 9.30
N ILE D 90 3.51 -36.28 9.50
CA ILE D 90 2.67 -35.16 9.93
C ILE D 90 2.41 -34.27 8.73
N ASP D 91 1.13 -34.04 8.45
CA ASP D 91 0.81 -33.18 7.26
C ASP D 91 0.53 -31.78 7.80
N THR D 92 1.38 -30.83 7.43
CA THR D 92 1.26 -29.46 8.00
C THR D 92 1.97 -28.42 7.20
N HIS D 93 2.21 -27.28 7.80
CA HIS D 93 2.84 -26.15 7.10
C HIS D 93 4.14 -25.67 7.73
N ALA D 94 5.07 -25.20 6.90
CA ALA D 94 6.35 -24.71 7.41
C ALA D 94 6.10 -23.27 7.94
N VAL D 95 5.22 -22.54 7.24
CA VAL D 95 4.75 -21.26 7.61
C VAL D 95 3.25 -21.15 7.28
N ILE D 96 2.52 -20.43 8.11
CA ILE D 96 1.11 -20.15 7.88
C ILE D 96 0.91 -18.68 7.49
N ARG D 97 0.14 -18.33 6.46
CA ARG D 97 -0.05 -16.89 6.15
C ARG D 97 -1.18 -16.34 7.04
N THR D 98 -0.88 -15.37 7.89
CA THR D 98 -1.88 -14.77 8.78
C THR D 98 -1.93 -13.27 8.51
N PRO D 99 -2.96 -12.60 8.96
CA PRO D 99 -3.07 -11.14 8.80
C PRO D 99 -1.92 -10.44 9.51
N SER D 100 -1.27 -11.10 10.47
CA SER D 100 -0.13 -10.58 11.17
C SER D 100 1.18 -10.97 10.51
N GLY D 101 1.19 -11.63 9.39
CA GLY D 101 2.39 -12.06 8.68
C GLY D 101 2.62 -13.56 8.79
N TYR D 102 3.82 -14.08 8.51
CA TYR D 102 3.98 -15.53 8.58
C TYR D 102 4.20 -16.12 9.95
N LEU D 103 3.36 -17.03 10.38
CA LEU D 103 3.49 -17.74 11.63
C LEU D 103 4.21 -19.05 11.30
N PRO D 104 5.34 -19.32 11.94
CA PRO D 104 6.08 -20.55 11.71
C PRO D 104 5.21 -21.73 12.10
N GLY D 105 5.19 -22.82 11.34
CA GLY D 105 4.34 -23.97 11.74
C GLY D 105 4.99 -24.83 12.79
N LEU D 106 6.34 -24.74 12.96
CA LEU D 106 7.05 -25.55 13.90
C LEU D 106 7.98 -24.81 14.82
N PRO D 107 7.44 -23.93 15.62
CA PRO D 107 8.26 -23.17 16.58
C PRO D 107 8.84 -24.12 17.62
N SER D 108 9.71 -23.61 18.47
CA SER D 108 10.34 -24.42 19.49
C SER D 108 9.38 -25.23 20.34
N TYR D 109 8.30 -24.66 20.88
CA TYR D 109 7.37 -25.33 21.75
C TYR D 109 6.62 -26.46 21.06
N VAL D 110 6.70 -26.56 19.76
CA VAL D 110 6.08 -27.62 19.01
C VAL D 110 7.11 -28.71 18.72
N ILE D 111 8.26 -28.31 18.24
CA ILE D 111 9.41 -29.09 17.84
C ILE D 111 9.93 -29.95 18.98
N THR D 112 9.96 -29.44 20.20
CA THR D 112 10.39 -30.20 21.34
C THR D 112 9.39 -31.27 21.78
N GLU D 113 8.12 -31.11 21.47
CA GLU D 113 7.08 -32.07 21.75
C GLU D 113 7.22 -33.26 20.76
N ILE D 114 7.40 -32.95 19.49
CA ILE D 114 7.48 -33.89 18.43
C ILE D 114 8.80 -34.53 18.08
N ASN D 115 9.94 -33.89 18.00
CA ASN D 115 11.17 -34.54 17.62
C ASN D 115 11.17 -35.33 16.34
N PRO D 116 11.01 -34.64 15.21
CA PRO D 116 11.04 -35.31 13.92
C PRO D 116 12.46 -35.71 13.54
N SER D 117 12.54 -36.56 12.53
CA SER D 117 13.78 -37.01 11.96
C SER D 117 14.02 -36.25 10.66
N VAL D 118 12.97 -36.06 9.88
CA VAL D 118 13.04 -35.36 8.65
C VAL D 118 11.89 -34.34 8.56
N ILE D 119 12.13 -33.17 7.99
CA ILE D 119 11.12 -32.15 7.75
C ILE D 119 11.13 -32.01 6.22
N PHE D 120 10.06 -32.24 5.51
CA PHE D 120 10.11 -32.13 4.07
C PHE D 120 9.42 -30.86 3.58
N LEU D 121 9.93 -30.27 2.52
CA LEU D 121 9.39 -29.09 1.92
C LEU D 121 8.91 -29.53 0.54
N LEU D 122 7.61 -29.71 0.37
CA LEU D 122 7.04 -30.12 -0.92
C LEU D 122 7.05 -28.83 -1.74
N GLU D 123 7.68 -28.77 -2.88
CA GLU D 123 7.71 -27.55 -3.68
C GLU D 123 7.20 -27.88 -5.07
N ALA D 124 6.79 -26.87 -5.81
CA ALA D 124 6.32 -27.06 -7.20
C ALA D 124 6.56 -25.73 -7.90
N ASP D 125 6.27 -25.68 -9.18
CA ASP D 125 6.43 -24.40 -9.90
C ASP D 125 5.25 -23.52 -9.54
N PRO D 126 5.50 -22.24 -9.26
CA PRO D 126 4.44 -21.30 -8.89
C PRO D 126 3.26 -21.32 -9.84
N LYS D 127 3.52 -21.44 -11.15
CA LYS D 127 2.51 -21.53 -12.19
C LYS D 127 1.56 -22.68 -11.97
N ILE D 128 2.10 -23.86 -11.73
CA ILE D 128 1.32 -25.05 -11.46
C ILE D 128 0.50 -24.91 -10.19
N ILE D 129 1.06 -24.25 -9.18
CA ILE D 129 0.37 -24.00 -7.92
C ILE D 129 -0.83 -23.09 -8.10
N LEU D 130 -0.70 -22.06 -8.93
CA LEU D 130 -1.86 -21.19 -9.16
C LEU D 130 -2.94 -22.01 -9.87
N SER D 131 -2.54 -22.80 -10.85
CA SER D 131 -3.45 -23.71 -11.54
C SER D 131 -4.20 -24.58 -10.53
N ARG D 132 -3.50 -25.35 -9.70
CA ARG D 132 -4.12 -26.23 -8.72
C ARG D 132 -4.96 -25.58 -7.63
N GLN D 133 -5.04 -24.28 -7.59
CA GLN D 133 -5.80 -23.51 -6.62
C GLN D 133 -7.13 -23.05 -7.18
N LYS D 134 -7.13 -22.63 -8.46
CA LYS D 134 -8.42 -22.24 -9.05
C LYS D 134 -9.17 -23.51 -9.41
N ARG D 135 -8.46 -24.62 -9.65
CA ARG D 135 -9.13 -25.88 -9.93
C ARG D 135 -9.98 -26.29 -8.72
N ASP D 136 -9.41 -26.11 -7.52
CA ASP D 136 -10.11 -26.42 -6.29
C ASP D 136 -10.91 -25.23 -5.78
N THR D 137 -12.24 -25.34 -5.80
CA THR D 137 -13.11 -24.27 -5.32
C THR D 137 -13.55 -24.57 -3.89
N THR D 138 -13.24 -25.79 -3.43
CA THR D 138 -13.49 -26.18 -2.04
C THR D 138 -12.21 -25.77 -1.30
N ARG D 139 -12.29 -24.70 -0.53
CA ARG D 139 -11.18 -24.10 0.18
C ARG D 139 -10.65 -22.94 -0.70
N ASN D 140 -11.25 -21.78 -0.51
CA ASN D 140 -10.85 -20.59 -1.27
C ASN D 140 -9.57 -20.02 -0.66
N ARG D 141 -8.67 -19.53 -1.50
CA ARG D 141 -7.45 -18.92 -0.96
C ARG D 141 -7.51 -17.42 -1.14
N ASN D 142 -7.33 -16.91 -2.34
CA ASN D 142 -7.40 -15.49 -2.63
C ASN D 142 -6.15 -14.72 -2.25
N ASP D 143 -5.56 -15.02 -1.11
CA ASP D 143 -4.34 -14.39 -0.63
C ASP D 143 -3.16 -14.79 -1.52
N TYR D 144 -3.25 -15.93 -2.20
CA TYR D 144 -2.23 -16.34 -3.17
C TYR D 144 -2.63 -15.69 -4.50
N SER D 145 -2.40 -14.40 -4.51
CA SER D 145 -2.74 -13.46 -5.55
C SER D 145 -1.94 -13.71 -6.82
N ASP D 146 -0.63 -13.76 -6.73
CA ASP D 146 0.20 -14.04 -7.89
C ASP D 146 1.44 -14.86 -7.54
N GLU D 147 2.35 -14.99 -8.48
CA GLU D 147 3.58 -15.72 -8.34
C GLU D 147 4.53 -15.19 -7.26
N SER D 148 4.56 -13.90 -7.10
CA SER D 148 5.39 -13.15 -6.18
C SER D 148 5.14 -13.63 -4.74
N VAL D 149 3.85 -13.69 -4.44
CA VAL D 149 3.37 -14.13 -3.15
C VAL D 149 3.78 -15.57 -2.87
N ILE D 150 3.68 -16.43 -3.86
CA ILE D 150 4.07 -17.80 -3.80
C ILE D 150 5.57 -17.96 -3.59
N LEU D 151 6.36 -17.21 -4.36
CA LEU D 151 7.80 -17.26 -4.20
C LEU D 151 8.17 -16.76 -2.82
N GLU D 152 7.53 -15.71 -2.31
CA GLU D 152 7.86 -15.21 -0.99
C GLU D 152 7.61 -16.26 0.08
N THR D 153 6.45 -16.89 0.04
CA THR D 153 6.04 -17.92 0.96
C THR D 153 6.98 -19.13 0.92
N ILE D 154 7.42 -19.51 -0.28
CA ILE D 154 8.34 -20.60 -0.47
C ILE D 154 9.64 -20.33 0.27
N ASN D 155 10.13 -19.10 0.18
CA ASN D 155 11.40 -18.72 0.80
C ASN D 155 11.31 -18.71 2.31
N PHE D 156 10.23 -18.12 2.82
CA PHE D 156 10.05 -18.07 4.26
C PHE D 156 9.81 -19.46 4.80
N ALA D 157 9.23 -20.35 3.99
CA ALA D 157 9.02 -21.73 4.45
C ALA D 157 10.39 -22.40 4.59
N ARG D 158 11.31 -22.13 3.69
CA ARG D 158 12.64 -22.70 3.76
C ARG D 158 13.39 -22.11 4.93
N TYR D 159 13.28 -20.78 5.13
CA TYR D 159 13.98 -20.23 6.30
C TYR D 159 13.40 -20.88 7.56
N ALA D 160 12.10 -20.85 7.73
CA ALA D 160 11.51 -21.41 8.96
C ALA D 160 11.76 -22.88 9.13
N ALA D 161 11.66 -23.70 8.10
CA ALA D 161 11.88 -25.15 8.26
C ALA D 161 13.30 -25.43 8.70
N THR D 162 14.25 -24.71 8.09
CA THR D 162 15.66 -24.84 8.41
C THR D 162 15.93 -24.41 9.83
N ALA D 163 15.25 -23.34 10.29
CA ALA D 163 15.49 -22.93 11.68
C ALA D 163 14.96 -24.03 12.57
N SER D 164 13.80 -24.57 12.15
CA SER D 164 13.18 -25.64 12.93
C SER D 164 14.06 -26.87 13.05
N ALA D 165 14.67 -27.27 11.92
CA ALA D 165 15.61 -28.37 11.83
C ALA D 165 16.88 -28.13 12.64
N VAL D 166 17.36 -26.87 12.75
CA VAL D 166 18.58 -26.59 13.55
C VAL D 166 18.25 -26.80 15.03
N LEU D 167 17.04 -26.45 15.46
CA LEU D 167 16.62 -26.70 16.81
C LEU D 167 16.42 -28.18 17.16
N ALA D 168 15.82 -28.91 16.23
CA ALA D 168 15.45 -30.30 16.52
C ALA D 168 16.51 -31.32 16.16
N GLY D 169 17.47 -30.95 15.36
CA GLY D 169 18.47 -31.91 14.94
C GLY D 169 17.81 -32.81 13.89
N SER D 170 17.07 -32.19 12.99
CA SER D 170 16.41 -33.04 11.96
C SER D 170 16.92 -32.61 10.63
N THR D 171 16.68 -33.33 9.54
CA THR D 171 17.14 -32.86 8.24
C THR D 171 16.04 -32.03 7.57
N VAL D 172 16.31 -31.43 6.42
CA VAL D 172 15.31 -30.63 5.72
C VAL D 172 15.45 -31.14 4.27
N LYS D 173 14.39 -31.67 3.70
CA LYS D 173 14.53 -32.22 2.34
C LYS D 173 13.59 -31.45 1.42
N VAL D 174 14.08 -30.85 0.37
CA VAL D 174 13.24 -30.23 -0.63
C VAL D 174 12.84 -31.36 -1.59
N ILE D 175 11.55 -31.59 -1.72
CA ILE D 175 11.05 -32.62 -2.64
C ILE D 175 10.16 -31.92 -3.65
N VAL D 176 10.55 -31.93 -4.91
CA VAL D 176 9.74 -31.33 -5.96
C VAL D 176 8.60 -32.26 -6.37
N ASN D 177 7.38 -31.80 -6.25
CA ASN D 177 6.21 -32.57 -6.66
C ASN D 177 5.91 -32.35 -8.14
N VAL D 178 6.23 -33.37 -8.92
CA VAL D 178 6.02 -33.38 -10.37
C VAL D 178 4.54 -33.52 -10.71
N GLU D 179 4.05 -32.73 -11.67
CA GLU D 179 2.65 -32.77 -12.05
C GLU D 179 2.36 -33.99 -12.91
N GLY D 180 1.32 -34.72 -12.51
CA GLY D 180 0.97 -35.95 -13.22
C GLY D 180 1.37 -37.14 -12.36
N ASP D 181 2.58 -37.13 -11.78
CA ASP D 181 2.99 -38.25 -10.97
C ASP D 181 3.40 -38.03 -9.54
N PRO D 182 2.43 -38.15 -8.64
CA PRO D 182 2.66 -38.04 -7.22
C PRO D 182 3.53 -39.12 -6.63
N SER D 183 3.81 -40.19 -7.35
CA SER D 183 4.64 -41.26 -6.74
C SER D 183 6.11 -40.88 -6.86
N ILE D 184 6.47 -39.95 -7.76
CA ILE D 184 7.87 -39.54 -7.79
C ILE D 184 8.26 -38.90 -6.44
N ALA D 185 7.36 -38.10 -5.89
CA ALA D 185 7.59 -37.43 -4.62
C ALA D 185 7.36 -38.40 -3.47
N ALA D 186 6.34 -39.22 -3.58
CA ALA D 186 6.06 -40.21 -2.52
C ALA D 186 7.22 -41.18 -2.36
N ASN D 187 7.91 -41.56 -3.45
CA ASN D 187 9.01 -42.50 -3.29
C ASN D 187 10.15 -41.77 -2.59
N GLU D 188 10.38 -40.53 -3.07
CA GLU D 188 11.44 -39.73 -2.45
C GLU D 188 11.24 -39.62 -0.94
N ILE D 189 10.03 -39.40 -0.47
CA ILE D 189 9.78 -39.30 0.98
C ILE D 189 10.06 -40.61 1.68
N ILE D 190 9.62 -41.72 1.04
CA ILE D 190 9.85 -43.04 1.66
C ILE D 190 11.35 -43.28 1.69
N ARG D 191 12.03 -43.16 0.55
CA ARG D 191 13.47 -43.30 0.44
C ARG D 191 14.17 -42.50 1.54
N SER D 192 13.72 -41.27 1.77
CA SER D 192 14.29 -40.40 2.77
C SER D 192 14.07 -40.83 4.21
N MET D 193 13.11 -41.70 4.47
CA MET D 193 12.81 -42.14 5.83
C MET D 193 13.57 -43.35 6.27
N LYS D 194 14.23 -44.05 5.36
CA LYS D 194 14.98 -45.27 5.66
C LYS D 194 16.33 -44.94 6.31
N MET E 1 0.28 -4.95 27.14
CA MET E 1 0.40 -4.49 25.73
C MET E 1 0.83 -5.58 24.76
N LYS E 2 0.34 -5.53 23.51
CA LYS E 2 0.76 -6.54 22.53
C LYS E 2 2.16 -6.01 22.10
N ILE E 3 3.18 -6.85 21.98
CA ILE E 3 4.45 -6.33 21.57
C ILE E 3 4.71 -6.60 20.09
N GLY E 4 5.27 -5.60 19.44
CA GLY E 4 5.65 -5.75 18.04
C GLY E 4 7.08 -5.24 17.94
N ILE E 5 7.90 -5.98 17.20
CA ILE E 5 9.27 -5.55 17.02
C ILE E 5 9.46 -5.00 15.62
N VAL E 6 9.88 -3.74 15.55
CA VAL E 6 10.10 -3.12 14.24
C VAL E 6 11.57 -3.11 13.90
N THR E 7 12.00 -3.87 12.89
CA THR E 7 13.39 -3.91 12.47
C THR E 7 13.47 -3.32 11.06
N GLY E 8 14.64 -2.92 10.63
CA GLY E 8 14.82 -2.32 9.28
C GLY E 8 16.33 -2.28 9.08
N ILE E 9 16.74 -2.31 7.83
CA ILE E 9 18.21 -2.21 7.58
C ILE E 9 18.49 -0.71 7.49
N PRO E 10 19.69 -0.33 7.90
CA PRO E 10 20.08 1.08 7.87
C PRO E 10 19.81 1.70 6.50
N GLY E 11 18.90 2.69 6.41
CA GLY E 11 18.60 3.28 5.14
C GLY E 11 17.17 3.16 4.72
N VAL E 12 16.32 2.38 5.41
CA VAL E 12 14.94 2.23 4.96
C VAL E 12 14.01 3.29 5.45
N GLY E 13 14.43 4.09 6.45
CA GLY E 13 13.43 5.05 6.95
C GLY E 13 12.66 4.54 8.12
N LYS E 14 13.31 3.80 9.04
CA LYS E 14 12.55 3.29 10.21
C LYS E 14 12.03 4.36 11.12
N SER E 15 12.81 5.42 11.45
CA SER E 15 12.32 6.48 12.33
C SER E 15 11.12 7.18 11.72
N THR E 16 11.17 7.48 10.45
CA THR E 16 9.98 8.14 9.84
C THR E 16 8.78 7.26 9.97
N VAL E 17 8.93 5.94 9.66
CA VAL E 17 7.73 5.10 9.86
C VAL E 17 7.28 5.03 11.29
N LEU E 18 8.24 4.86 12.24
CA LEU E 18 7.80 4.77 13.65
C LEU E 18 7.14 6.07 14.09
N ALA E 19 7.71 7.21 13.65
CA ALA E 19 7.10 8.53 13.96
C ALA E 19 5.68 8.56 13.43
N LYS E 20 5.49 8.11 12.18
CA LYS E 20 4.16 8.04 11.59
C LYS E 20 3.29 7.11 12.36
N VAL E 21 3.81 5.95 12.80
CA VAL E 21 2.99 5.00 13.55
C VAL E 21 2.46 5.63 14.82
N LYS E 22 3.35 6.33 15.54
CA LYS E 22 2.94 7.01 16.77
C LYS E 22 1.86 8.05 16.52
N GLU E 23 2.08 8.92 15.53
CA GLU E 23 0.99 9.94 15.27
C GLU E 23 -0.32 9.27 14.93
N ILE E 24 -0.30 8.28 14.00
CA ILE E 24 -1.55 7.63 13.66
C ILE E 24 -2.22 7.07 14.90
N LEU E 25 -1.48 6.42 15.80
CA LEU E 25 -2.12 5.83 17.00
C LEU E 25 -2.56 6.86 18.00
N ASP E 26 -1.80 7.94 18.17
CA ASP E 26 -2.21 9.00 19.11
C ASP E 26 -3.54 9.63 18.68
N ASN E 27 -3.66 9.99 17.39
CA ASN E 27 -4.90 10.54 16.85
C ASN E 27 -6.08 9.61 17.02
N GLN E 28 -5.96 8.31 17.14
CA GLN E 28 -7.10 7.43 17.34
C GLN E 28 -7.25 7.16 18.85
N GLY E 29 -6.41 7.85 19.62
CA GLY E 29 -6.41 7.70 21.07
C GLY E 29 -6.16 6.26 21.53
N ILE E 30 -5.24 5.55 20.84
CA ILE E 30 -4.89 4.17 21.23
C ILE E 30 -3.57 4.17 22.01
N ASN E 31 -3.59 3.59 23.19
CA ASN E 31 -2.42 3.58 24.09
C ASN E 31 -1.20 2.96 23.44
N ASN E 32 -0.09 3.72 23.35
CA ASN E 32 1.08 3.16 22.73
C ASN E 32 2.40 3.64 23.26
N LYS E 33 3.43 2.81 23.02
CA LYS E 33 4.76 3.17 23.50
C LYS E 33 5.73 2.70 22.43
N ILE E 34 6.75 3.45 22.18
CA ILE E 34 7.78 3.10 21.26
C ILE E 34 9.10 3.12 22.01
N ILE E 35 9.71 1.92 22.14
CA ILE E 35 10.96 1.87 22.87
C ILE E 35 12.12 1.60 21.96
N ASN E 36 13.15 2.42 22.00
CA ASN E 36 14.39 2.15 21.24
C ASN E 36 15.22 1.14 22.05
N TYR E 37 15.40 -0.10 21.63
CA TYR E 37 16.13 -1.11 22.39
C TYR E 37 17.51 -0.69 22.87
N GLY E 38 18.30 0.02 22.08
CA GLY E 38 19.62 0.45 22.46
C GLY E 38 19.55 1.42 23.67
N ASP E 39 18.69 2.41 23.61
CA ASP E 39 18.43 3.36 24.64
C ASP E 39 18.03 2.66 25.93
N PHE E 40 17.17 1.68 25.85
CA PHE E 40 16.65 0.95 27.00
C PHE E 40 17.72 0.08 27.66
N MET E 41 18.64 -0.36 26.82
CA MET E 41 19.76 -1.18 27.23
C MET E 41 20.67 -0.29 28.06
N LEU E 42 20.96 0.90 27.58
CA LEU E 42 21.79 1.87 28.23
C LEU E 42 21.14 2.31 29.57
N ALA E 43 19.85 2.47 29.58
CA ALA E 43 19.09 2.79 30.74
C ALA E 43 19.21 1.62 31.72
N THR E 44 19.16 0.40 31.22
CA THR E 44 19.24 -0.80 32.04
C THR E 44 20.65 -0.91 32.63
N ALA E 45 21.68 -0.58 31.90
CA ALA E 45 23.04 -0.61 32.33
C ALA E 45 23.25 0.38 33.48
N LEU E 46 22.73 1.59 33.38
CA LEU E 46 22.82 2.62 34.39
C LEU E 46 22.15 2.16 35.68
N LYS E 47 20.91 1.71 35.59
CA LYS E 47 20.15 1.22 36.72
C LYS E 47 20.74 -0.04 37.35
N LEU E 48 21.68 -0.75 36.77
CA LEU E 48 22.20 -1.97 37.34
C LEU E 48 23.72 -1.91 37.54
N GLY E 49 24.27 -0.72 37.42
CA GLY E 49 25.65 -0.41 37.58
C GLY E 49 26.60 -0.80 36.50
N TYR E 50 26.28 -1.73 35.60
CA TYR E 50 27.18 -2.14 34.54
C TYR E 50 27.93 -1.02 33.82
N ALA E 51 27.38 0.16 33.58
CA ALA E 51 28.13 1.17 32.84
C ALA E 51 27.59 2.56 33.16
N LYS E 52 28.29 3.59 32.71
CA LYS E 52 27.96 4.97 32.99
C LYS E 52 27.66 5.74 31.72
N ASP E 53 28.11 5.27 30.58
CA ASP E 53 27.90 5.85 29.27
C ASP E 53 27.79 4.76 28.21
N ARG E 54 27.48 5.21 26.98
CA ARG E 54 27.32 4.23 25.90
C ARG E 54 28.62 3.47 25.63
N ASP E 55 29.72 4.20 25.55
CA ASP E 55 31.04 3.67 25.30
C ASP E 55 31.44 2.52 26.18
N GLU E 56 31.30 2.68 27.49
CA GLU E 56 31.62 1.65 28.47
C GLU E 56 30.82 0.37 28.27
N MET E 57 29.63 0.44 27.64
CA MET E 57 28.84 -0.79 27.48
C MET E 57 29.21 -1.55 26.22
N ARG E 58 29.73 -0.86 25.21
CA ARG E 58 30.22 -1.52 24.00
C ARG E 58 31.53 -2.24 24.34
N LYS E 59 32.20 -1.81 25.39
CA LYS E 59 33.45 -2.33 25.86
C LYS E 59 33.33 -3.40 26.91
N LEU E 60 32.16 -3.96 27.16
CA LEU E 60 32.07 -4.92 28.25
C LEU E 60 32.38 -6.33 27.82
N SER E 61 32.67 -7.16 28.85
CA SER E 61 33.02 -8.55 28.51
C SER E 61 31.86 -9.12 27.72
N VAL E 62 32.16 -9.99 26.75
CA VAL E 62 31.06 -10.61 26.00
C VAL E 62 30.05 -11.25 26.94
N GLU E 63 30.46 -11.86 28.04
CA GLU E 63 29.62 -12.46 29.04
C GLU E 63 28.75 -11.40 29.77
N LYS E 64 29.29 -10.21 30.05
CA LYS E 64 28.50 -9.20 30.75
C LYS E 64 27.45 -8.58 29.82
N GLN E 65 27.79 -8.40 28.56
CA GLN E 65 26.89 -7.84 27.57
C GLN E 65 25.64 -8.71 27.45
N LYS E 66 25.83 -10.01 27.43
CA LYS E 66 24.77 -10.99 27.34
C LYS E 66 23.83 -10.84 28.52
N LYS E 67 24.36 -10.69 29.73
CA LYS E 67 23.57 -10.48 30.95
C LYS E 67 22.72 -9.24 30.75
N LEU E 68 23.39 -8.19 30.28
CA LEU E 68 22.78 -6.92 29.97
C LEU E 68 21.58 -7.08 29.02
N GLN E 69 21.80 -7.71 27.86
CA GLN E 69 20.70 -7.91 26.95
C GLN E 69 19.56 -8.73 27.58
N ILE E 70 19.84 -9.68 28.45
CA ILE E 70 18.75 -10.46 29.04
C ILE E 70 17.90 -9.59 29.94
N ASP E 71 18.57 -8.82 30.78
CA ASP E 71 17.88 -7.90 31.70
C ASP E 71 17.01 -6.86 31.01
N ALA E 72 17.60 -6.28 29.96
CA ALA E 72 16.93 -5.32 29.09
C ALA E 72 15.69 -5.95 28.46
N ALA E 73 15.83 -7.19 27.98
CA ALA E 73 14.69 -7.89 27.42
C ALA E 73 13.67 -8.13 28.50
N LYS E 74 14.07 -8.57 29.69
CA LYS E 74 13.11 -8.84 30.76
C LYS E 74 12.39 -7.56 31.13
N GLY E 75 13.11 -6.43 31.07
CA GLY E 75 12.55 -5.14 31.39
C GLY E 75 11.50 -4.63 30.44
N ILE E 76 11.68 -4.89 29.14
CA ILE E 76 10.72 -4.53 28.12
C ILE E 76 9.49 -5.41 28.30
N ALA E 77 9.66 -6.72 28.54
CA ALA E 77 8.44 -7.52 28.76
C ALA E 77 7.68 -6.98 29.97
N GLU E 78 8.36 -6.53 31.00
CA GLU E 78 7.75 -6.00 32.20
C GLU E 78 6.89 -4.80 31.81
N GLU E 79 7.54 -3.84 31.15
CA GLU E 79 6.87 -2.64 30.68
C GLU E 79 5.62 -2.94 29.91
N ALA E 80 5.64 -3.96 29.04
CA ALA E 80 4.47 -4.35 28.31
C ALA E 80 3.36 -4.85 29.23
N ARG E 81 3.63 -5.68 30.26
CA ARG E 81 2.48 -6.12 31.10
C ARG E 81 2.04 -4.96 31.98
N ALA E 82 2.95 -4.08 32.41
CA ALA E 82 2.57 -2.92 33.18
C ALA E 82 1.61 -1.99 32.43
N GLY E 83 1.92 -1.62 31.18
CA GLY E 83 1.14 -0.74 30.36
C GLY E 83 -0.29 -1.09 30.09
N GLY E 84 -0.80 -2.29 30.33
CA GLY E 84 -2.19 -2.65 30.06
C GLY E 84 -2.50 -2.72 28.57
N GLU E 85 -3.70 -2.35 28.17
CA GLU E 85 -4.12 -2.36 26.79
C GLU E 85 -3.31 -1.40 25.92
N GLY E 86 -3.09 -1.79 24.66
CA GLY E 86 -2.33 -0.99 23.73
C GLY E 86 -1.22 -1.74 23.01
N TYR E 87 -0.39 -1.02 22.28
CA TYR E 87 0.69 -1.54 21.52
C TYR E 87 2.03 -1.02 22.00
N LEU E 88 3.00 -1.95 22.12
CA LEU E 88 4.35 -1.57 22.50
C LEU E 88 5.23 -1.98 21.33
N PHE E 89 5.91 -1.01 20.75
CA PHE E 89 6.78 -1.31 19.63
C PHE E 89 8.23 -1.24 19.99
N ILE E 90 9.01 -2.24 19.61
CA ILE E 90 10.43 -2.15 19.93
C ILE E 90 11.20 -1.80 18.67
N ASP E 91 11.94 -0.71 18.71
CA ASP E 91 12.79 -0.30 17.61
C ASP E 91 14.16 -0.98 17.83
N THR E 92 14.54 -1.89 16.97
CA THR E 92 15.78 -2.61 17.05
C THR E 92 16.17 -3.16 15.68
N HIS E 93 17.06 -4.12 15.60
CA HIS E 93 17.55 -4.69 14.38
C HIS E 93 17.40 -6.22 14.35
N ALA E 94 17.13 -6.79 13.19
CA ALA E 94 17.08 -8.25 13.03
C ALA E 94 18.55 -8.64 12.94
N VAL E 95 19.32 -7.87 12.16
CA VAL E 95 20.76 -8.19 12.16
C VAL E 95 21.50 -6.83 12.11
N ILE E 96 22.67 -6.86 12.71
CA ILE E 96 23.55 -5.69 12.70
C ILE E 96 24.85 -6.00 11.95
N ARG E 97 25.21 -5.21 10.93
CA ARG E 97 26.46 -5.44 10.21
C ARG E 97 27.65 -5.10 11.12
N THR E 98 28.70 -5.90 11.11
CA THR E 98 29.86 -5.63 11.92
C THR E 98 31.10 -6.20 11.20
N PRO E 99 32.27 -5.94 11.76
CA PRO E 99 33.52 -6.43 11.23
C PRO E 99 33.63 -7.94 11.25
N SER E 100 33.03 -8.60 12.23
CA SER E 100 33.01 -10.03 12.38
C SER E 100 31.85 -10.66 11.61
N GLY E 101 31.09 -9.86 10.89
CA GLY E 101 29.95 -10.29 10.09
C GLY E 101 28.63 -9.85 10.70
N TYR E 102 27.55 -10.57 10.36
CA TYR E 102 26.23 -10.21 10.87
C TYR E 102 25.91 -10.74 12.26
N LEU E 103 25.41 -9.82 13.07
CA LEU E 103 25.09 -10.22 14.44
C LEU E 103 23.58 -10.10 14.60
N PRO E 104 22.95 -11.24 14.88
CA PRO E 104 21.52 -11.22 15.09
C PRO E 104 21.20 -10.33 16.29
N GLY E 105 20.24 -9.43 16.05
CA GLY E 105 19.69 -8.54 17.05
C GLY E 105 18.75 -9.24 18.00
N LEU E 106 18.16 -10.39 17.62
CA LEU E 106 17.25 -11.08 18.52
C LEU E 106 17.66 -12.53 18.76
N PRO E 107 18.78 -12.76 19.43
CA PRO E 107 19.27 -14.09 19.70
C PRO E 107 18.30 -14.74 20.68
N SER E 108 18.42 -16.05 20.75
CA SER E 108 17.54 -16.82 21.59
C SER E 108 17.36 -16.25 22.98
N TYR E 109 18.45 -15.99 23.69
CA TYR E 109 18.31 -15.51 25.08
C TYR E 109 17.61 -14.18 25.14
N VAL E 110 17.54 -13.36 24.07
CA VAL E 110 16.75 -12.15 24.13
C VAL E 110 15.30 -12.40 23.71
N ILE E 111 15.10 -12.95 22.51
CA ILE E 111 13.73 -13.09 22.00
C ILE E 111 12.79 -13.87 22.84
N THR E 112 13.22 -14.90 23.53
CA THR E 112 12.36 -15.73 24.38
C THR E 112 11.96 -15.05 25.67
N GLU E 113 12.57 -13.95 26.04
CA GLU E 113 12.21 -13.14 27.17
C GLU E 113 11.14 -12.11 26.75
N ILE E 114 11.25 -11.56 25.54
CA ILE E 114 10.29 -10.56 25.06
C ILE E 114 9.02 -11.19 24.56
N ASN E 115 9.09 -12.33 23.87
CA ASN E 115 7.94 -13.03 23.32
C ASN E 115 6.98 -12.07 22.61
N PRO E 116 7.44 -11.48 21.52
CA PRO E 116 6.63 -10.53 20.79
C PRO E 116 5.53 -11.21 20.02
N SER E 117 4.50 -10.52 19.62
CA SER E 117 3.46 -11.12 18.79
C SER E 117 3.94 -11.13 17.34
N VAL E 118 4.64 -10.04 16.94
CA VAL E 118 5.04 -9.91 15.56
C VAL E 118 6.42 -9.27 15.44
N ILE E 119 7.18 -9.63 14.46
CA ILE E 119 8.49 -9.06 14.17
C ILE E 119 8.39 -8.48 12.74
N PHE E 120 8.43 -7.17 12.59
CA PHE E 120 8.31 -6.54 11.30
C PHE E 120 9.68 -6.38 10.65
N LEU E 121 9.78 -6.61 9.35
CA LEU E 121 11.02 -6.41 8.60
C LEU E 121 10.70 -5.29 7.59
N LEU E 122 11.17 -4.09 7.89
CA LEU E 122 10.90 -2.92 7.04
C LEU E 122 11.84 -3.03 5.84
N GLU E 123 11.20 -3.07 4.65
CA GLU E 123 12.09 -3.25 3.48
C GLU E 123 11.79 -2.20 2.41
N ALA E 124 12.81 -1.95 1.63
CA ALA E 124 12.69 -1.00 0.53
C ALA E 124 13.49 -1.48 -0.67
N ASP E 125 13.09 -1.08 -1.86
CA ASP E 125 13.87 -1.37 -3.10
C ASP E 125 15.33 -0.99 -2.86
N PRO E 126 16.29 -1.86 -3.08
CA PRO E 126 17.70 -1.59 -2.84
C PRO E 126 18.24 -0.37 -3.57
N LYS E 127 17.51 0.12 -4.58
CA LYS E 127 17.91 1.34 -5.28
C LYS E 127 17.67 2.50 -4.30
N ILE E 128 16.40 2.69 -3.96
CA ILE E 128 15.94 3.69 -3.02
C ILE E 128 16.77 3.83 -1.75
N ILE E 129 17.21 2.75 -1.14
CA ILE E 129 18.01 2.77 0.09
C ILE E 129 19.39 3.35 -0.11
N LEU E 130 19.92 3.31 -1.34
CA LEU E 130 21.23 3.91 -1.63
C LEU E 130 20.99 5.40 -1.95
N SER E 131 19.74 5.82 -2.05
CA SER E 131 19.28 7.16 -2.27
C SER E 131 18.93 7.86 -0.94
N ARG E 132 18.89 7.11 0.16
CA ARG E 132 18.62 7.66 1.47
C ARG E 132 19.88 7.55 2.34
N GLN E 133 20.97 7.09 1.72
CA GLN E 133 22.23 6.93 2.44
C GLN E 133 23.15 8.14 2.27
N LYS E 134 23.08 8.82 1.12
CA LYS E 134 23.89 10.01 0.87
C LYS E 134 23.02 11.24 1.18
N ARG E 135 21.71 11.08 1.04
CA ARG E 135 20.70 12.09 1.26
C ARG E 135 20.45 12.48 2.70
N ASP E 136 20.96 11.72 3.66
CA ASP E 136 20.79 12.05 5.06
C ASP E 136 22.06 11.79 5.85
N THR E 137 22.83 12.87 6.08
CA THR E 137 24.12 12.75 6.77
C THR E 137 23.95 11.89 8.06
N THR E 138 23.20 11.62 8.77
CA THR E 138 22.69 11.44 10.11
C THR E 138 23.17 10.11 10.72
N ARG E 139 24.48 10.03 10.87
CA ARG E 139 25.26 8.88 11.28
C ARG E 139 26.07 8.64 9.94
N ASN E 140 25.18 8.59 8.95
CA ASN E 140 25.43 8.39 7.56
C ASN E 140 26.72 7.61 7.40
N ARG E 141 26.52 6.30 7.60
CA ARG E 141 27.61 5.35 7.53
C ARG E 141 27.73 4.79 6.11
N ASN E 142 28.86 5.13 5.48
CA ASN E 142 29.13 4.64 4.12
C ASN E 142 29.70 3.23 4.19
N ASP E 143 28.90 2.29 4.66
CA ASP E 143 29.29 0.89 4.79
C ASP E 143 28.83 0.13 3.55
N TYR E 144 27.61 0.48 3.12
CA TYR E 144 27.01 -0.15 1.95
C TYR E 144 27.72 0.30 0.67
N SER E 145 28.49 -0.61 0.09
CA SER E 145 29.17 -0.31 -1.17
C SER E 145 28.11 -0.29 -2.27
N ASP E 146 28.08 -1.36 -3.08
CA ASP E 146 27.10 -1.46 -4.15
C ASP E 146 25.76 -1.91 -3.56
N GLU E 147 24.76 -2.11 -4.42
CA GLU E 147 23.46 -2.59 -3.90
C GLU E 147 23.55 -4.07 -3.57
N SER E 148 24.57 -4.78 -4.02
CA SER E 148 24.79 -6.17 -3.70
C SER E 148 25.03 -6.40 -2.21
N VAL E 149 25.63 -5.45 -1.49
CA VAL E 149 25.86 -5.61 -0.04
C VAL E 149 24.55 -5.27 0.67
N ILE E 150 23.69 -4.47 0.05
CA ILE E 150 22.39 -4.19 0.64
C ILE E 150 21.50 -5.40 0.41
N LEU E 151 21.69 -6.17 -0.66
CA LEU E 151 20.84 -7.35 -0.90
C LEU E 151 21.13 -8.42 0.15
N GLU E 152 22.42 -8.61 0.39
CA GLU E 152 22.91 -9.51 1.37
C GLU E 152 22.41 -9.18 2.79
N THR E 153 22.26 -7.92 3.13
CA THR E 153 21.84 -7.51 4.47
C THR E 153 20.36 -7.72 4.65
N ILE E 154 19.58 -7.43 3.63
CA ILE E 154 18.16 -7.68 3.63
C ILE E 154 17.85 -9.16 3.92
N ASN E 155 18.51 -10.01 3.18
CA ASN E 155 18.33 -11.44 3.25
C ASN E 155 18.70 -11.99 4.61
N PHE E 156 19.92 -11.64 5.04
CA PHE E 156 20.36 -12.09 6.38
C PHE E 156 19.42 -11.59 7.46
N ALA E 157 18.75 -10.42 7.30
CA ALA E 157 17.80 -9.97 8.28
C ALA E 157 16.58 -10.92 8.21
N ARG E 158 16.28 -11.35 6.99
CA ARG E 158 15.13 -12.24 6.80
C ARG E 158 15.39 -13.58 7.48
N TYR E 159 16.60 -14.09 7.27
CA TYR E 159 16.92 -15.37 7.86
C TYR E 159 16.94 -15.25 9.37
N ALA E 160 17.56 -14.19 9.90
CA ALA E 160 17.67 -14.13 11.38
C ALA E 160 16.33 -13.85 12.01
N ALA E 161 15.55 -12.96 11.43
CA ALA E 161 14.22 -12.62 11.98
C ALA E 161 13.32 -13.87 12.00
N THR E 162 13.41 -14.70 10.98
CA THR E 162 12.59 -15.90 10.91
C THR E 162 13.08 -16.93 11.93
N ALA E 163 14.39 -17.04 12.09
CA ALA E 163 14.94 -17.98 13.08
C ALA E 163 14.46 -17.50 14.45
N SER E 164 14.48 -16.18 14.67
CA SER E 164 14.01 -15.65 15.95
C SER E 164 12.53 -15.90 16.14
N ALA E 165 11.72 -15.81 15.08
CA ALA E 165 10.27 -16.03 15.24
C ALA E 165 9.99 -17.49 15.54
N VAL E 166 10.77 -18.39 14.95
CA VAL E 166 10.67 -19.82 15.17
C VAL E 166 10.94 -20.12 16.64
N LEU E 167 11.88 -19.43 17.28
CA LEU E 167 12.13 -19.64 18.70
C LEU E 167 11.06 -19.12 19.62
N ALA E 168 10.45 -17.96 19.29
CA ALA E 168 9.45 -17.40 20.21
C ALA E 168 8.02 -17.70 19.83
N GLY E 169 7.75 -18.15 18.61
CA GLY E 169 6.40 -18.41 18.21
C GLY E 169 5.74 -17.07 17.87
N SER E 170 6.40 -16.24 17.09
CA SER E 170 5.81 -14.97 16.70
C SER E 170 5.75 -14.93 15.18
N THR E 171 4.95 -14.07 14.55
CA THR E 171 4.99 -13.99 13.09
C THR E 171 6.16 -13.09 12.65
N VAL E 172 6.50 -13.12 11.39
CA VAL E 172 7.47 -12.29 10.71
C VAL E 172 6.61 -11.68 9.53
N LYS E 173 6.55 -10.39 9.40
CA LYS E 173 5.85 -9.63 8.39
C LYS E 173 6.81 -8.68 7.66
N VAL E 174 6.94 -8.79 6.37
CA VAL E 174 7.71 -7.90 5.51
C VAL E 174 6.86 -6.65 5.29
N ILE E 175 7.47 -5.47 5.47
CA ILE E 175 6.72 -4.22 5.29
C ILE E 175 7.56 -3.37 4.30
N VAL E 176 6.94 -3.04 3.17
CA VAL E 176 7.64 -2.22 2.17
C VAL E 176 7.42 -0.74 2.48
N ASN E 177 8.58 -0.07 2.60
CA ASN E 177 8.47 1.37 2.93
C ASN E 177 8.57 2.12 1.61
N VAL E 178 7.43 2.62 1.21
CA VAL E 178 7.28 3.34 -0.03
C VAL E 178 7.88 4.75 0.02
N GLU E 179 8.88 5.03 -0.80
CA GLU E 179 9.56 6.29 -1.00
C GLU E 179 8.71 7.54 -0.78
N GLY E 180 7.51 7.60 -1.35
CA GLY E 180 6.64 8.75 -1.16
C GLY E 180 6.22 8.89 0.32
N ASP E 181 5.10 8.32 0.62
CA ASP E 181 4.34 8.24 1.83
C ASP E 181 4.79 7.20 2.85
N PRO E 182 5.04 7.60 4.09
CA PRO E 182 5.41 6.71 5.18
C PRO E 182 4.15 6.17 5.85
N SER E 183 2.98 6.65 5.52
CA SER E 183 1.71 6.22 6.08
C SER E 183 1.30 4.80 5.65
N ILE E 184 1.96 4.31 4.61
CA ILE E 184 1.72 3.06 3.93
C ILE E 184 2.23 1.93 4.83
N ALA E 185 3.54 2.02 5.09
CA ALA E 185 4.16 1.10 6.04
C ALA E 185 3.50 1.22 7.41
N ALA E 186 3.26 2.42 7.92
CA ALA E 186 2.64 2.61 9.21
C ALA E 186 1.30 1.98 9.37
N ASN E 187 0.40 2.11 8.39
CA ASN E 187 -0.96 1.54 8.52
C ASN E 187 -0.91 0.02 8.41
N GLU E 188 0.05 -0.49 7.64
CA GLU E 188 0.22 -1.91 7.49
C GLU E 188 0.67 -2.50 8.84
N ILE E 189 1.62 -1.77 9.45
CA ILE E 189 2.05 -2.15 10.77
C ILE E 189 0.90 -2.11 11.73
N ILE E 190 0.08 -1.05 11.68
CA ILE E 190 -1.05 -0.98 12.63
C ILE E 190 -2.03 -2.09 12.45
N ARG E 191 -2.38 -2.43 11.22
CA ARG E 191 -3.30 -3.49 10.86
C ARG E 191 -2.83 -4.84 11.42
N SER E 192 -1.50 -5.08 11.27
CA SER E 192 -0.99 -6.36 11.69
C SER E 192 -1.11 -6.66 13.17
N MET E 193 -1.12 -5.63 13.96
CA MET E 193 -1.22 -5.70 15.39
C MET E 193 -2.61 -5.97 15.91
N LYS E 194 -3.63 -5.86 15.08
CA LYS E 194 -5.02 -6.03 15.44
C LYS E 194 -5.42 -7.50 15.66
N MET F 1 40.33 -19.55 24.36
CA MET F 1 40.46 -19.48 22.89
C MET F 1 39.14 -19.04 22.21
N LYS F 2 39.26 -17.95 21.46
CA LYS F 2 38.15 -17.45 20.68
C LYS F 2 37.85 -18.54 19.62
N ILE F 3 36.62 -19.03 19.60
CA ILE F 3 36.26 -20.04 18.63
C ILE F 3 35.59 -19.42 17.42
N GLY F 4 36.06 -19.87 16.28
CA GLY F 4 35.51 -19.46 14.99
C GLY F 4 35.26 -20.78 14.22
N ILE F 5 34.10 -20.84 13.58
CA ILE F 5 33.68 -22.03 12.86
C ILE F 5 33.79 -21.76 11.39
N VAL F 6 34.59 -22.57 10.70
CA VAL F 6 34.78 -22.29 9.27
C VAL F 6 34.03 -23.38 8.53
N THR F 7 33.07 -22.99 7.72
CA THR F 7 32.27 -23.94 6.96
C THR F 7 32.34 -23.61 5.48
N GLY F 8 31.97 -24.59 4.66
CA GLY F 8 32.04 -24.39 3.21
C GLY F 8 31.52 -25.63 2.52
N ILE F 9 30.90 -25.44 1.34
CA ILE F 9 30.36 -26.70 0.71
C ILE F 9 31.56 -27.34 0.09
N PRO F 10 31.60 -28.64 -0.09
CA PRO F 10 32.78 -29.32 -0.66
C PRO F 10 33.22 -28.69 -1.95
N GLY F 11 34.53 -28.42 -2.08
CA GLY F 11 35.07 -27.79 -3.27
C GLY F 11 35.14 -26.29 -3.28
N VAL F 12 34.73 -25.54 -2.21
CA VAL F 12 34.81 -24.12 -2.23
C VAL F 12 36.30 -23.66 -2.09
N GLY F 13 37.09 -24.50 -1.41
CA GLY F 13 38.47 -24.13 -1.19
C GLY F 13 38.81 -24.08 0.30
N LYS F 14 38.01 -24.74 1.12
CA LYS F 14 38.17 -24.74 2.55
C LYS F 14 39.54 -25.07 3.05
N SER F 15 40.22 -26.14 2.63
CA SER F 15 41.53 -26.48 3.21
C SER F 15 42.64 -25.62 2.64
N THR F 16 42.44 -25.14 1.40
CA THR F 16 43.41 -24.20 0.84
C THR F 16 43.34 -22.93 1.72
N VAL F 17 42.12 -22.43 1.95
CA VAL F 17 41.99 -21.23 2.77
C VAL F 17 42.47 -21.46 4.18
N LEU F 18 42.35 -22.65 4.74
CA LEU F 18 42.76 -22.85 6.13
C LEU F 18 44.27 -23.00 6.29
N ALA F 19 44.89 -23.40 5.19
CA ALA F 19 46.32 -23.55 5.05
C ALA F 19 46.94 -22.15 5.17
N LYS F 20 46.43 -21.24 4.35
CA LYS F 20 46.86 -19.85 4.39
C LYS F 20 46.59 -19.24 5.76
N VAL F 21 45.47 -19.53 6.42
CA VAL F 21 45.20 -19.07 7.76
C VAL F 21 46.31 -19.53 8.73
N LYS F 22 46.72 -20.79 8.67
CA LYS F 22 47.77 -21.33 9.52
C LYS F 22 49.11 -20.60 9.28
N GLU F 23 49.48 -20.53 8.02
CA GLU F 23 50.71 -19.85 7.60
C GLU F 23 50.78 -18.45 8.21
N ILE F 24 49.82 -17.62 7.85
CA ILE F 24 49.74 -16.25 8.27
C ILE F 24 49.72 -16.03 9.76
N LEU F 25 49.04 -16.91 10.49
CA LEU F 25 48.97 -16.71 11.93
C LEU F 25 50.28 -17.14 12.56
N ASP F 26 50.91 -18.14 11.98
CA ASP F 26 52.21 -18.62 12.48
C ASP F 26 53.23 -17.46 12.36
N ASN F 27 53.29 -16.88 11.16
CA ASN F 27 54.10 -15.73 10.83
C ASN F 27 53.86 -14.52 11.71
N GLN F 28 52.73 -14.34 12.36
CA GLN F 28 52.43 -13.21 13.22
C GLN F 28 52.61 -13.62 14.69
N GLY F 29 52.96 -14.90 14.86
CA GLY F 29 53.13 -15.53 16.15
C GLY F 29 51.87 -15.53 16.99
N ILE F 30 50.71 -15.84 16.40
CA ILE F 30 49.45 -15.92 17.15
C ILE F 30 49.13 -17.39 17.38
N ASN F 31 48.85 -17.79 18.61
CA ASN F 31 48.57 -19.21 18.86
C ASN F 31 47.30 -19.71 18.19
N ASN F 32 47.41 -20.81 17.41
CA ASN F 32 46.20 -21.29 16.75
C ASN F 32 46.12 -22.78 16.55
N LYS F 33 44.91 -23.29 16.80
CA LYS F 33 44.65 -24.72 16.60
C LYS F 33 43.57 -24.89 15.54
N ILE F 34 43.68 -25.85 14.63
CA ILE F 34 42.71 -26.11 13.59
C ILE F 34 42.21 -27.54 13.69
N ILE F 35 41.01 -27.74 14.18
CA ILE F 35 40.36 -29.02 14.35
C ILE F 35 39.31 -29.31 13.27
N ASN F 36 39.26 -30.55 12.79
CA ASN F 36 38.27 -30.87 11.75
C ASN F 36 37.19 -31.71 12.40
N TYR F 37 35.92 -31.27 12.37
CA TYR F 37 34.77 -31.96 12.97
C TYR F 37 34.68 -33.40 12.49
N GLY F 38 34.80 -33.61 11.19
CA GLY F 38 34.78 -34.92 10.59
C GLY F 38 35.71 -35.91 11.28
N ASP F 39 36.96 -35.55 11.61
CA ASP F 39 37.87 -36.46 12.26
C ASP F 39 37.36 -36.95 13.60
N PHE F 40 36.73 -36.06 14.37
CA PHE F 40 36.22 -36.51 15.65
C PHE F 40 35.05 -37.45 15.46
N MET F 41 34.33 -37.25 14.36
CA MET F 41 33.17 -38.11 14.10
C MET F 41 33.65 -39.50 13.69
N LEU F 42 34.69 -39.53 12.87
CA LEU F 42 35.30 -40.73 12.37
C LEU F 42 35.77 -41.66 13.49
N ALA F 43 36.50 -41.08 14.43
CA ALA F 43 36.98 -41.85 15.59
C ALA F 43 35.86 -42.62 16.24
N THR F 44 34.73 -41.98 16.51
CA THR F 44 33.61 -42.65 17.17
C THR F 44 32.91 -43.59 16.21
N ALA F 45 32.92 -43.28 14.91
CA ALA F 45 32.19 -44.17 14.00
C ALA F 45 32.86 -45.55 13.98
N LEU F 46 34.17 -45.55 13.93
CA LEU F 46 35.12 -46.63 13.98
C LEU F 46 34.96 -47.45 15.25
N LYS F 47 34.89 -46.85 16.44
CA LYS F 47 34.71 -47.50 17.72
C LYS F 47 33.34 -48.11 17.86
N LEU F 48 32.31 -47.60 17.19
CA LEU F 48 30.96 -48.15 17.33
C LEU F 48 30.56 -49.09 16.20
N GLY F 49 31.35 -49.15 15.15
CA GLY F 49 31.12 -49.97 14.00
C GLY F 49 30.17 -49.37 12.98
N TYR F 50 29.98 -48.05 12.96
CA TYR F 50 29.04 -47.41 12.04
C TYR F 50 29.59 -47.28 10.63
N ALA F 51 30.88 -46.95 10.54
CA ALA F 51 31.50 -46.80 9.25
C ALA F 51 32.99 -47.11 9.24
N LYS F 52 33.48 -47.36 8.03
CA LYS F 52 34.88 -47.68 7.78
C LYS F 52 35.59 -46.39 7.35
N ASP F 53 35.02 -45.66 6.39
CA ASP F 53 35.68 -44.42 5.96
C ASP F 53 34.84 -43.17 6.16
N ARG F 54 35.49 -42.00 6.05
CA ARG F 54 34.80 -40.75 6.26
C ARG F 54 33.70 -40.38 5.29
N ASP F 55 33.71 -40.81 4.05
CA ASP F 55 32.74 -40.53 3.04
C ASP F 55 31.45 -41.34 3.24
N GLU F 56 31.43 -42.25 4.16
CA GLU F 56 30.28 -43.11 4.44
C GLU F 56 29.37 -42.45 5.49
N MET F 57 29.94 -41.54 6.30
CA MET F 57 29.18 -40.97 7.39
C MET F 57 27.93 -40.20 7.02
N ARG F 58 27.98 -39.43 5.95
CA ARG F 58 26.83 -38.66 5.53
C ARG F 58 25.73 -39.55 4.97
N LYS F 59 26.03 -40.84 4.76
CA LYS F 59 25.09 -41.79 4.19
C LYS F 59 24.40 -42.55 5.27
N LEU F 60 24.87 -42.44 6.51
CA LEU F 60 24.18 -43.12 7.60
C LEU F 60 22.79 -42.55 7.88
N SER F 61 22.00 -43.33 8.61
CA SER F 61 20.65 -42.89 8.97
C SER F 61 20.75 -41.61 9.81
N VAL F 62 19.72 -40.76 9.81
CA VAL F 62 19.77 -39.52 10.61
C VAL F 62 20.03 -39.80 12.08
N GLU F 63 19.44 -40.83 12.68
CA GLU F 63 19.64 -41.13 14.07
C GLU F 63 21.10 -41.40 14.40
N LYS F 64 21.82 -42.18 13.63
CA LYS F 64 23.24 -42.43 13.93
C LYS F 64 24.10 -41.19 13.68
N GLN F 65 23.74 -40.37 12.66
CA GLN F 65 24.55 -39.15 12.49
C GLN F 65 24.39 -38.24 13.69
N LYS F 66 23.18 -38.14 14.26
CA LYS F 66 22.97 -37.30 15.44
C LYS F 66 23.89 -37.77 16.60
N LYS F 67 23.99 -39.06 16.81
CA LYS F 67 24.82 -39.67 17.87
C LYS F 67 26.29 -39.29 17.64
N LEU F 68 26.76 -39.43 16.40
CA LEU F 68 28.15 -39.03 16.11
C LEU F 68 28.38 -37.55 16.38
N GLN F 69 27.44 -36.73 15.95
CA GLN F 69 27.49 -35.27 16.05
C GLN F 69 27.59 -34.81 17.47
N ILE F 70 26.78 -35.36 18.35
CA ILE F 70 26.81 -35.01 19.76
C ILE F 70 28.15 -35.38 20.40
N ASP F 71 28.59 -36.62 20.13
CA ASP F 71 29.82 -37.17 20.68
C ASP F 71 31.01 -36.36 20.21
N ALA F 72 31.08 -36.05 18.91
CA ALA F 72 32.15 -35.20 18.43
C ALA F 72 32.06 -33.84 19.11
N ALA F 73 30.86 -33.25 19.26
CA ALA F 73 30.71 -31.99 19.94
C ALA F 73 31.28 -32.05 21.36
N LYS F 74 30.91 -33.04 22.17
CA LYS F 74 31.50 -33.10 23.51
C LYS F 74 33.02 -33.24 23.48
N GLY F 75 33.63 -33.90 22.51
CA GLY F 75 35.05 -34.04 22.39
C GLY F 75 35.76 -32.76 21.97
N ILE F 76 35.19 -31.95 21.09
CA ILE F 76 35.82 -30.71 20.64
C ILE F 76 35.68 -29.66 21.73
N ALA F 77 34.63 -29.75 22.54
CA ALA F 77 34.42 -28.83 23.64
C ALA F 77 35.56 -28.97 24.65
N GLU F 78 36.01 -30.21 24.87
CA GLU F 78 37.12 -30.47 25.77
C GLU F 78 38.44 -29.88 25.27
N GLU F 79 38.71 -29.99 23.98
CA GLU F 79 39.94 -29.45 23.41
C GLU F 79 39.90 -27.93 23.28
N ALA F 80 38.72 -27.36 23.43
CA ALA F 80 38.48 -25.93 23.37
C ALA F 80 38.95 -25.35 24.71
N ARG F 81 38.54 -26.04 25.77
CA ARG F 81 38.86 -25.68 27.14
C ARG F 81 40.35 -25.70 27.43
N ALA F 82 41.07 -26.76 27.09
CA ALA F 82 42.53 -26.78 27.34
C ALA F 82 43.26 -26.06 26.20
N GLY F 83 43.35 -24.72 26.28
CA GLY F 83 43.99 -23.95 25.25
C GLY F 83 44.33 -22.52 25.56
N GLY F 84 43.65 -21.91 26.54
CA GLY F 84 43.91 -20.56 26.94
C GLY F 84 43.83 -19.52 25.85
N GLU F 85 44.92 -18.82 25.59
CA GLU F 85 45.00 -17.75 24.60
C GLU F 85 45.12 -18.25 23.18
N GLY F 86 44.64 -17.45 22.24
CA GLY F 86 44.65 -17.76 20.84
C GLY F 86 43.32 -18.13 20.18
N TYR F 87 43.38 -18.47 18.90
CA TYR F 87 42.28 -18.85 18.09
C TYR F 87 42.09 -20.34 17.82
N LEU F 88 40.83 -20.76 17.92
CA LEU F 88 40.45 -22.14 17.62
C LEU F 88 39.54 -22.13 16.38
N PHE F 89 40.00 -22.74 15.29
CA PHE F 89 39.22 -22.81 14.07
C PHE F 89 38.63 -24.21 13.96
N ILE F 90 37.29 -24.29 13.85
CA ILE F 90 36.65 -25.62 13.71
C ILE F 90 36.26 -25.80 12.25
N ASP F 91 36.92 -26.73 11.57
CA ASP F 91 36.67 -26.97 10.14
C ASP F 91 35.49 -27.95 10.04
N THR F 92 34.36 -27.44 9.52
CA THR F 92 33.16 -28.27 9.46
C THR F 92 32.20 -27.82 8.40
N HIS F 93 30.91 -28.11 8.59
CA HIS F 93 29.90 -27.78 7.56
C HIS F 93 28.68 -27.10 8.11
N ALA F 94 28.05 -26.24 7.32
CA ALA F 94 26.83 -25.54 7.83
C ALA F 94 25.67 -26.54 7.64
N VAL F 95 25.68 -27.23 6.51
CA VAL F 95 24.76 -28.29 6.24
C VAL F 95 25.52 -29.49 5.64
N ILE F 96 25.06 -30.69 5.88
CA ILE F 96 25.64 -31.91 5.30
C ILE F 96 24.61 -32.49 4.35
N ARG F 97 24.95 -32.73 3.08
CA ARG F 97 23.97 -33.30 2.14
C ARG F 97 23.86 -34.82 2.45
N THR F 98 22.70 -35.29 2.85
CA THR F 98 22.49 -36.68 3.16
C THR F 98 21.33 -37.19 2.31
N PRO F 99 21.20 -38.49 2.26
CA PRO F 99 20.11 -39.13 1.52
C PRO F 99 18.77 -38.69 2.12
N SER F 100 18.72 -38.31 3.39
CA SER F 100 17.53 -37.81 4.02
C SER F 100 17.33 -36.29 3.89
N GLY F 101 18.16 -35.61 3.13
CA GLY F 101 18.15 -34.18 2.94
C GLY F 101 19.28 -33.51 3.74
N TYR F 102 19.22 -32.19 3.94
CA TYR F 102 20.21 -31.43 4.63
C TYR F 102 20.24 -31.58 6.15
N LEU F 103 21.37 -32.09 6.65
CA LEU F 103 21.49 -32.18 8.12
C LEU F 103 22.20 -30.92 8.59
N PRO F 104 21.60 -30.13 9.43
CA PRO F 104 22.26 -28.92 9.97
C PRO F 104 23.57 -29.35 10.64
N GLY F 105 24.67 -28.66 10.38
CA GLY F 105 25.94 -29.03 10.97
C GLY F 105 26.08 -28.53 12.37
N LEU F 106 25.33 -27.49 12.74
CA LEU F 106 25.43 -26.92 14.08
C LEU F 106 24.10 -26.81 14.78
N PRO F 107 23.41 -27.91 15.00
CA PRO F 107 22.11 -27.90 15.64
C PRO F 107 22.27 -27.46 17.08
N SER F 108 21.15 -27.20 17.73
CA SER F 108 21.14 -26.69 19.08
C SER F 108 22.02 -27.49 20.02
N TYR F 109 21.99 -28.81 19.98
CA TYR F 109 22.76 -29.64 20.91
C TYR F 109 24.27 -29.53 20.65
N VAL F 110 24.69 -29.17 19.46
CA VAL F 110 26.07 -28.93 19.08
C VAL F 110 26.49 -27.48 19.38
N ILE F 111 25.76 -26.49 18.90
CA ILE F 111 26.00 -25.09 19.06
C ILE F 111 26.15 -24.65 20.51
N THR F 112 25.37 -25.19 21.44
CA THR F 112 25.46 -24.78 22.84
C THR F 112 26.61 -25.39 23.59
N GLU F 113 27.16 -26.49 23.12
CA GLU F 113 28.31 -27.15 23.66
C GLU F 113 29.58 -26.34 23.30
N ILE F 114 29.64 -25.81 22.10
CA ILE F 114 30.74 -25.05 21.55
C ILE F 114 30.62 -23.54 21.62
N ASN F 115 29.47 -22.91 21.57
CA ASN F 115 29.36 -21.47 21.66
C ASN F 115 30.48 -20.67 21.06
N PRO F 116 30.51 -20.56 19.74
CA PRO F 116 31.50 -19.81 19.03
C PRO F 116 31.17 -18.33 18.95
N SER F 117 32.11 -17.50 18.53
CA SER F 117 31.96 -16.10 18.36
C SER F 117 31.53 -15.76 16.94
N VAL F 118 32.13 -16.51 16.01
CA VAL F 118 31.84 -16.28 14.60
C VAL F 118 31.65 -17.64 13.89
N ILE F 119 30.77 -17.62 12.92
CA ILE F 119 30.48 -18.74 12.06
C ILE F 119 30.75 -18.21 10.64
N PHE F 120 31.68 -18.78 9.94
CA PHE F 120 32.03 -18.38 8.60
C PHE F 120 31.42 -19.28 7.52
N LEU F 121 30.98 -18.65 6.46
CA LEU F 121 30.43 -19.32 5.31
C LEU F 121 31.32 -19.05 4.07
N LEU F 122 32.17 -20.01 3.72
CA LEU F 122 33.01 -19.81 2.52
C LEU F 122 32.12 -19.99 1.30
N GLU F 123 32.06 -19.03 0.40
CA GLU F 123 31.21 -19.11 -0.78
C GLU F 123 32.06 -18.82 -2.00
N ALA F 124 31.52 -18.98 -3.19
CA ALA F 124 32.20 -18.70 -4.45
C ALA F 124 31.18 -18.91 -5.55
N ASP F 125 31.45 -18.52 -6.77
CA ASP F 125 30.43 -18.72 -7.83
C ASP F 125 30.25 -20.22 -7.99
N PRO F 126 29.03 -20.70 -8.12
CA PRO F 126 28.76 -22.11 -8.32
C PRO F 126 29.49 -22.71 -9.51
N LYS F 127 29.66 -22.03 -10.63
CA LYS F 127 30.43 -22.56 -11.77
C LYS F 127 31.86 -22.86 -11.32
N ILE F 128 32.47 -21.88 -10.65
CA ILE F 128 33.84 -22.03 -10.17
C ILE F 128 34.00 -23.17 -9.18
N ILE F 129 33.02 -23.35 -8.27
CA ILE F 129 33.03 -24.44 -7.30
C ILE F 129 32.95 -25.77 -8.04
N LEU F 130 32.06 -25.85 -9.04
CA LEU F 130 31.87 -27.05 -9.86
C LEU F 130 33.20 -27.48 -10.47
N SER F 131 33.88 -26.51 -11.07
CA SER F 131 35.21 -26.72 -11.65
C SER F 131 36.18 -27.26 -10.63
N ARG F 132 36.36 -26.63 -9.49
CA ARG F 132 37.23 -27.07 -8.43
C ARG F 132 37.03 -28.47 -7.90
N GLN F 133 35.88 -29.12 -8.10
CA GLN F 133 35.64 -30.48 -7.62
C GLN F 133 36.35 -31.50 -8.52
N LYS F 134 36.37 -31.18 -9.81
CA LYS F 134 37.01 -31.98 -10.83
C LYS F 134 38.49 -32.23 -10.53
N ARG F 135 39.21 -31.18 -10.16
CA ARG F 135 40.61 -31.18 -9.83
C ARG F 135 41.03 -31.81 -8.52
N ASP F 136 40.13 -32.48 -7.83
CA ASP F 136 40.41 -33.14 -6.55
C ASP F 136 39.75 -34.52 -6.57
N THR F 137 40.43 -35.54 -7.10
CA THR F 137 39.83 -36.88 -7.10
C THR F 137 40.48 -37.75 -6.03
N THR F 138 40.54 -37.16 -4.84
CA THR F 138 41.01 -37.70 -3.58
C THR F 138 39.75 -38.04 -2.74
N ARG F 139 38.67 -37.35 -3.09
CA ARG F 139 37.34 -37.48 -2.53
C ARG F 139 36.30 -37.52 -3.64
N ASN F 140 35.31 -38.43 -3.52
CA ASN F 140 34.30 -38.55 -4.58
C ASN F 140 32.90 -38.20 -4.07
N ARG F 141 32.25 -37.33 -4.84
CA ARG F 141 30.93 -36.80 -4.59
C ARG F 141 30.21 -36.64 -5.93
N ASN F 142 29.24 -37.49 -6.26
CA ASN F 142 28.56 -37.30 -7.57
C ASN F 142 27.19 -36.65 -7.42
N ASP F 143 26.93 -36.19 -6.18
CA ASP F 143 25.65 -35.53 -5.87
C ASP F 143 25.63 -34.10 -6.40
N TYR F 144 26.78 -33.44 -6.48
CA TYR F 144 26.96 -32.10 -7.02
C TYR F 144 27.13 -32.17 -8.53
N SER F 145 26.06 -32.64 -9.13
CA SER F 145 25.92 -32.90 -10.55
C SER F 145 25.90 -31.59 -11.33
N ASP F 146 25.21 -30.57 -10.81
CA ASP F 146 25.16 -29.28 -11.49
C ASP F 146 25.23 -28.08 -10.54
N GLU F 147 25.12 -26.91 -11.15
CA GLU F 147 25.17 -25.62 -10.49
C GLU F 147 24.03 -25.42 -9.50
N SER F 148 22.85 -25.81 -9.92
CA SER F 148 21.62 -25.77 -9.18
C SER F 148 21.73 -26.49 -7.85
N VAL F 149 22.29 -27.70 -7.84
CA VAL F 149 22.47 -28.42 -6.58
C VAL F 149 23.41 -27.60 -5.69
N ILE F 150 24.39 -26.94 -6.30
CA ILE F 150 25.35 -26.12 -5.57
C ILE F 150 24.74 -24.83 -5.05
N LEU F 151 23.91 -24.15 -5.85
CA LEU F 151 23.27 -22.93 -5.38
C LEU F 151 22.42 -23.29 -4.16
N GLU F 152 21.59 -24.31 -4.31
CA GLU F 152 20.68 -24.76 -3.26
C GLU F 152 21.45 -25.02 -1.97
N THR F 153 22.51 -25.80 -2.05
CA THR F 153 23.30 -26.10 -0.87
C THR F 153 23.83 -24.84 -0.24
N ILE F 154 24.26 -23.86 -1.04
CA ILE F 154 24.74 -22.59 -0.46
C ILE F 154 23.66 -21.86 0.32
N ASN F 155 22.46 -21.78 -0.29
CA ASN F 155 21.34 -21.13 0.37
C ASN F 155 20.97 -21.85 1.67
N PHE F 156 20.90 -23.17 1.68
CA PHE F 156 20.56 -23.89 2.91
C PHE F 156 21.65 -23.69 3.97
N ALA F 157 22.89 -23.59 3.53
CA ALA F 157 24.02 -23.33 4.43
C ALA F 157 23.80 -22.00 5.12
N ARG F 158 23.40 -20.97 4.34
CA ARG F 158 23.12 -19.67 4.96
C ARG F 158 21.97 -19.73 5.95
N TYR F 159 20.84 -20.34 5.52
CA TYR F 159 19.73 -20.40 6.46
C TYR F 159 20.15 -21.10 7.74
N ALA F 160 20.82 -22.23 7.65
CA ALA F 160 21.17 -22.97 8.87
C ALA F 160 22.19 -22.29 9.73
N ALA F 161 23.21 -21.69 9.12
CA ALA F 161 24.26 -21.03 9.94
C ALA F 161 23.64 -19.82 10.62
N THR F 162 22.77 -19.06 9.92
CA THR F 162 22.11 -17.95 10.64
C THR F 162 21.24 -18.43 11.78
N ALA F 163 20.53 -19.54 11.61
CA ALA F 163 19.66 -20.04 12.67
C ALA F 163 20.59 -20.43 13.81
N SER F 164 21.65 -21.13 13.49
CA SER F 164 22.64 -21.49 14.51
C SER F 164 23.19 -20.27 15.23
N ALA F 165 23.47 -19.18 14.47
CA ALA F 165 23.98 -17.95 15.02
C ALA F 165 22.99 -17.28 15.98
N VAL F 166 21.73 -17.31 15.53
CA VAL F 166 20.66 -16.75 16.31
C VAL F 166 20.57 -17.53 17.61
N LEU F 167 20.73 -18.84 17.61
CA LEU F 167 20.69 -19.59 18.86
C LEU F 167 21.84 -19.27 19.85
N ALA F 168 23.06 -19.19 19.38
CA ALA F 168 24.27 -18.96 20.12
C ALA F 168 24.63 -17.53 20.39
N GLY F 169 24.14 -16.56 19.64
CA GLY F 169 24.52 -15.19 19.87
C GLY F 169 25.83 -14.89 19.11
N SER F 170 26.17 -15.73 18.19
CA SER F 170 27.40 -15.59 17.41
C SER F 170 27.13 -14.77 16.18
N THR F 171 28.12 -14.43 15.39
CA THR F 171 27.95 -13.67 14.17
C THR F 171 28.06 -14.64 13.00
N VAL F 172 27.58 -14.24 11.84
CA VAL F 172 27.65 -15.06 10.63
C VAL F 172 28.30 -14.22 9.51
N LYS F 173 29.42 -14.66 9.00
CA LYS F 173 30.19 -13.90 8.02
C LYS F 173 30.36 -14.64 6.69
N VAL F 174 29.86 -14.03 5.64
CA VAL F 174 30.03 -14.56 4.33
C VAL F 174 31.41 -14.10 3.83
N ILE F 175 32.19 -15.07 3.41
CA ILE F 175 33.55 -14.82 2.95
C ILE F 175 33.75 -15.39 1.56
N VAL F 176 33.82 -14.47 0.58
CA VAL F 176 34.04 -14.99 -0.77
C VAL F 176 35.49 -15.45 -0.93
N ASN F 177 35.68 -16.65 -1.46
CA ASN F 177 37.03 -17.17 -1.73
C ASN F 177 37.30 -16.94 -3.24
N VAL F 178 37.86 -15.77 -3.55
CA VAL F 178 38.15 -15.26 -4.87
C VAL F 178 39.08 -16.16 -5.68
N GLU F 179 38.67 -16.40 -6.93
CA GLU F 179 39.44 -17.24 -7.85
C GLU F 179 40.81 -16.59 -8.13
N GLY F 180 41.85 -17.36 -7.87
CA GLY F 180 43.21 -16.97 -8.07
C GLY F 180 44.01 -16.62 -6.86
N ASP F 181 43.38 -16.22 -5.77
CA ASP F 181 44.11 -15.81 -4.59
C ASP F 181 43.36 -16.10 -3.30
N PRO F 182 43.75 -17.22 -2.71
CA PRO F 182 43.26 -17.68 -1.44
C PRO F 182 43.57 -16.79 -0.27
N SER F 183 44.64 -16.01 -0.28
CA SER F 183 44.99 -15.18 0.88
C SER F 183 43.92 -14.14 1.14
N ILE F 184 43.21 -13.70 0.11
CA ILE F 184 42.14 -12.72 0.30
C ILE F 184 41.17 -13.17 1.38
N ALA F 185 40.66 -14.39 1.23
CA ALA F 185 39.75 -14.97 2.20
C ALA F 185 40.39 -15.32 3.51
N ALA F 186 41.64 -15.79 3.54
CA ALA F 186 42.23 -16.11 4.86
C ALA F 186 42.41 -14.80 5.64
N ASN F 187 42.68 -13.70 4.96
CA ASN F 187 42.80 -12.43 5.66
C ASN F 187 41.50 -11.99 6.28
N GLU F 188 40.42 -12.01 5.49
CA GLU F 188 39.08 -11.71 5.99
C GLU F 188 38.82 -12.50 7.27
N ILE F 189 39.09 -13.80 7.26
CA ILE F 189 38.90 -14.67 8.40
C ILE F 189 39.66 -14.14 9.58
N ILE F 190 40.97 -13.88 9.45
CA ILE F 190 41.80 -13.33 10.53
C ILE F 190 41.31 -11.97 11.02
N ARG F 191 40.94 -11.08 10.11
CA ARG F 191 40.38 -9.77 10.44
C ARG F 191 39.11 -9.90 11.29
N SER F 192 38.24 -10.84 10.93
CA SER F 192 36.98 -11.12 11.57
C SER F 192 37.12 -11.66 12.98
N MET F 193 38.25 -12.28 13.31
CA MET F 193 38.49 -12.81 14.63
C MET F 193 39.06 -11.77 15.57
N LYS F 194 39.41 -10.61 15.03
CA LYS F 194 39.97 -9.54 15.86
C LYS F 194 39.03 -9.17 17.01
#